data_6CPM
#
_entry.id   6CPM
#
_cell.length_a   42.552
_cell.length_b   115.080
_cell.length_c   95.701
_cell.angle_alpha   90.00
_cell.angle_beta   92.59
_cell.angle_gamma   90.00
#
_symmetry.space_group_name_H-M   'P 1 21 1'
#
loop_
_entity.id
_entity.type
_entity.pdbx_description
1 polymer 'Ubiquitin carboxyl-terminal hydrolase 15'
2 polymer 'Ubiquitin variant 15.1d'
3 non-polymer 'CALCIUM ION'
4 non-polymer 'ZINC ION'
5 non-polymer 'SODIUM ION'
6 non-polymer GLYCEROL
7 non-polymer 1,2-ETHANEDIOL
8 water water
#
loop_
_entity_poly.entity_id
_entity_poly.type
_entity_poly.pdbx_seq_one_letter_code
_entity_poly.pdbx_strand_id
1 'polypeptide(L)'
;SGAAADYSEPGRNNEQPGLCGLSNLGNTCFMNSAIQCLSNTPPLTEYFLNDKYQEELNFDNPLGMRGEIAKSYAELIKQM
WSGKFSYVTPRAFKTQVGRFAPQFSGYQQQDCQELLAFLLDGLHEDLNRIRKKPYIQLKDADGRPDKVVAEEAWENHLKR
NDSIIVDIFHGLFKSTLVCPECAKISVTFDPFCYLTLPLPMPKKPFVKLKDCIELFTTKEKLGAEDPWYCPNCKEHQQAT
KKLDLWSLPPVLVVHLKRFSYSRYMRDKLDTLVDFPINDLDMSGCRYNLIAVSNHYGGMGGGHYTAFAKNKDDGKWYYFD
DSSVSTASEDQIVSKAAYVLFYQRQDSSG
;
C,D
2 'polypeptide(L)'
;GAAAMQIFVKTPTGKFISLEVEPSDTIENVKAKIQDKEGIPPDQQRLIFRQTWASKQLEDGRTLSDYNIQKESTLHLVLR
LRGSSG
;
E,F
#
# COMPACT_ATOMS: atom_id res chain seq x y z
N SER A 8 31.84 8.53 -22.97
CA SER A 8 32.34 7.43 -23.77
C SER A 8 31.22 6.76 -24.57
N GLU A 9 30.02 6.73 -24.00
CA GLU A 9 28.88 6.11 -24.66
C GLU A 9 27.58 6.83 -24.31
N PRO A 10 26.89 7.39 -25.29
CA PRO A 10 25.57 7.97 -25.03
C PRO A 10 24.65 6.96 -24.36
N GLY A 11 24.00 7.39 -23.28
CA GLY A 11 23.12 6.54 -22.53
C GLY A 11 23.79 5.73 -21.44
N ARG A 12 25.07 5.40 -21.60
CA ARG A 12 25.78 4.66 -20.56
C ARG A 12 26.22 5.62 -19.47
N ASN A 13 25.53 5.56 -18.33
CA ASN A 13 25.80 6.33 -17.13
C ASN A 13 25.37 5.48 -15.96
N ASN A 14 26.16 5.48 -14.89
N ASN A 14 26.14 5.50 -14.88
CA ASN A 14 25.78 4.74 -13.69
CA ASN A 14 25.73 4.79 -13.65
C ASN A 14 24.56 5.39 -13.06
C ASN A 14 24.46 5.44 -13.12
N GLU A 15 23.47 4.63 -12.99
N GLU A 15 23.36 4.68 -13.14
CA GLU A 15 22.17 5.15 -12.60
CA GLU A 15 22.06 5.16 -12.72
C GLU A 15 21.55 4.17 -11.63
C GLU A 15 21.45 4.13 -11.78
N GLN A 16 20.40 4.54 -11.09
CA GLN A 16 19.65 3.61 -10.26
C GLN A 16 18.99 2.58 -11.16
N PRO A 17 19.07 1.28 -10.83
CA PRO A 17 18.41 0.25 -11.65
C PRO A 17 16.93 0.54 -11.87
N GLY A 18 16.47 0.33 -13.11
CA GLY A 18 15.11 0.60 -13.48
C GLY A 18 14.81 2.04 -13.87
N LEU A 19 15.65 2.99 -13.48
CA LEU A 19 15.41 4.40 -13.86
C LEU A 19 16.08 4.65 -15.21
N CYS A 20 15.56 3.96 -16.22
CA CYS A 20 16.23 3.83 -17.51
C CYS A 20 15.21 4.14 -18.61
N GLY A 21 15.52 5.15 -19.43
CA GLY A 21 14.66 5.49 -20.55
C GLY A 21 14.90 4.60 -21.77
N LEU A 22 14.13 4.86 -22.82
CA LEU A 22 14.17 4.07 -24.05
C LEU A 22 14.15 5.04 -25.22
N SER A 23 15.16 4.97 -26.09
CA SER A 23 15.15 5.88 -27.23
C SER A 23 13.96 5.62 -28.14
N ASN A 24 13.46 6.68 -28.75
CA ASN A 24 12.44 6.54 -29.78
C ASN A 24 13.15 6.19 -31.08
N LEU A 25 12.66 5.16 -31.75
CA LEU A 25 13.24 4.70 -33.01
C LEU A 25 12.48 5.24 -34.21
N GLY A 26 11.63 6.23 -34.01
CA GLY A 26 10.73 6.65 -35.06
C GLY A 26 9.35 6.09 -34.83
N ASN A 27 8.51 6.87 -34.17
CA ASN A 27 7.15 6.47 -33.82
C ASN A 27 7.12 5.14 -33.05
N THR A 28 8.05 4.95 -32.11
CA THR A 28 8.01 3.76 -31.27
C THR A 28 7.66 4.05 -29.81
N CYS A 29 7.17 5.26 -29.51
CA CYS A 29 6.79 5.58 -28.13
C CYS A 29 5.62 4.72 -27.66
N PHE A 30 4.78 4.22 -28.57
CA PHE A 30 3.74 3.26 -28.16
C PHE A 30 4.38 2.02 -27.56
N MET A 31 5.53 1.61 -28.10
CA MET A 31 6.25 0.48 -27.56
C MET A 31 6.99 0.82 -26.27
N ASN A 32 7.65 1.98 -26.20
CA ASN A 32 8.42 2.31 -24.99
C ASN A 32 7.50 2.42 -23.78
N SER A 33 6.31 3.00 -23.97
CA SER A 33 5.36 3.17 -22.89
C SER A 33 4.91 1.83 -22.32
N ALA A 34 4.58 0.89 -23.21
CA ALA A 34 4.23 -0.46 -22.80
C ALA A 34 5.37 -1.14 -22.06
N ILE A 35 6.59 -1.02 -22.58
CA ILE A 35 7.73 -1.67 -21.93
C ILE A 35 7.92 -1.12 -20.52
N GLN A 36 7.75 0.20 -20.34
CA GLN A 36 7.95 0.78 -19.00
C GLN A 36 6.91 0.24 -18.02
N CYS A 37 5.68 -0.01 -18.47
CA CYS A 37 4.67 -0.55 -17.58
C CYS A 37 5.04 -1.98 -17.19
N LEU A 38 5.43 -2.81 -18.16
CA LEU A 38 5.82 -4.19 -17.90
C LEU A 38 7.11 -4.25 -17.08
N SER A 39 8.06 -3.37 -17.39
CA SER A 39 9.31 -3.30 -16.64
C SER A 39 9.05 -3.02 -15.16
N ASN A 40 8.03 -2.21 -14.87
CA ASN A 40 7.71 -1.89 -13.49
C ASN A 40 6.55 -2.70 -12.94
N THR A 41 6.37 -3.91 -13.47
CA THR A 41 5.53 -4.94 -12.87
C THR A 41 6.44 -5.87 -12.10
N PRO A 42 6.53 -5.75 -10.78
CA PRO A 42 7.67 -6.34 -10.04
C PRO A 42 7.74 -7.85 -10.13
N PRO A 43 6.63 -8.61 -10.01
CA PRO A 43 6.77 -10.08 -10.18
C PRO A 43 7.35 -10.47 -11.51
N LEU A 44 7.14 -9.66 -12.56
CA LEU A 44 7.62 -10.04 -13.87
C LEU A 44 9.10 -9.70 -14.01
N THR A 45 9.48 -8.49 -13.65
CA THR A 45 10.89 -8.11 -13.73
C THR A 45 11.76 -8.99 -12.82
N GLU A 46 11.27 -9.32 -11.64
CA GLU A 46 12.06 -10.13 -10.72
C GLU A 46 12.24 -11.54 -11.28
N TYR A 47 11.22 -12.06 -11.95
CA TYR A 47 11.31 -13.35 -12.61
C TYR A 47 12.45 -13.38 -13.64
N PHE A 48 12.62 -12.29 -14.39
CA PHE A 48 13.66 -12.27 -15.42
C PHE A 48 15.04 -11.98 -14.82
N LEU A 49 15.13 -11.04 -13.89
CA LEU A 49 16.44 -10.70 -13.32
C LEU A 49 17.05 -11.86 -12.55
N ASN A 50 16.22 -12.69 -11.92
CA ASN A 50 16.66 -13.87 -11.21
C ASN A 50 16.83 -15.08 -12.12
N ASP A 51 16.77 -14.88 -13.44
CA ASP A 51 17.00 -15.93 -14.43
C ASP A 51 16.07 -17.13 -14.25
N LYS A 52 14.88 -16.94 -13.66
CA LYS A 52 13.91 -18.04 -13.59
C LYS A 52 13.41 -18.44 -14.98
N TYR A 53 13.52 -17.55 -15.96
CA TYR A 53 12.95 -17.83 -17.26
C TYR A 53 13.75 -18.84 -18.06
N GLN A 54 15.05 -18.98 -17.76
CA GLN A 54 15.93 -19.82 -18.59
C GLN A 54 15.42 -21.25 -18.64
N GLU A 55 14.99 -21.79 -17.51
CA GLU A 55 14.47 -23.14 -17.44
C GLU A 55 13.12 -23.30 -18.13
N GLU A 56 12.39 -22.20 -18.35
CA GLU A 56 11.01 -22.29 -18.81
C GLU A 56 10.84 -21.86 -20.25
N LEU A 57 11.91 -21.44 -20.92
CA LEU A 57 11.80 -21.10 -22.33
C LEU A 57 11.26 -22.29 -23.11
N ASN A 58 10.28 -22.02 -23.97
CA ASN A 58 9.61 -23.04 -24.75
C ASN A 58 9.94 -22.77 -26.22
N PHE A 59 10.85 -23.56 -26.77
CA PHE A 59 11.33 -23.29 -28.12
C PHE A 59 10.49 -23.95 -29.21
N ASP A 60 9.70 -24.97 -28.88
CA ASP A 60 8.91 -25.71 -29.88
C ASP A 60 7.43 -25.35 -29.88
N ASN A 61 6.99 -24.45 -29.01
CA ASN A 61 5.58 -24.09 -28.90
C ASN A 61 5.05 -23.65 -30.27
N PRO A 62 4.07 -24.35 -30.84
CA PRO A 62 3.57 -23.95 -32.17
C PRO A 62 2.93 -22.58 -32.19
N LEU A 63 2.54 -22.02 -31.04
CA LEU A 63 1.99 -20.67 -30.99
C LEU A 63 2.99 -19.65 -30.48
N GLY A 64 4.24 -20.07 -30.24
CA GLY A 64 5.26 -19.21 -29.69
C GLY A 64 6.12 -18.57 -30.78
N MET A 65 7.14 -17.85 -30.34
CA MET A 65 8.06 -17.17 -31.21
C MET A 65 9.46 -17.75 -31.07
N ARG A 66 9.53 -19.07 -30.94
CA ARG A 66 10.79 -19.81 -30.77
C ARG A 66 11.59 -19.36 -29.56
N GLY A 67 10.92 -18.77 -28.56
CA GLY A 67 11.57 -18.23 -27.39
C GLY A 67 12.20 -16.88 -27.58
N GLU A 68 12.17 -16.32 -28.80
CA GLU A 68 12.93 -15.12 -29.09
C GLU A 68 12.31 -13.87 -28.48
N ILE A 69 10.98 -13.82 -28.32
CA ILE A 69 10.36 -12.67 -27.67
C ILE A 69 10.75 -12.63 -26.20
N ALA A 70 10.64 -13.76 -25.51
CA ALA A 70 11.05 -13.80 -24.11
C ALA A 70 12.55 -13.55 -23.95
N LYS A 71 13.39 -14.12 -24.82
CA LYS A 71 14.83 -13.92 -24.68
C LYS A 71 15.20 -12.45 -24.86
N SER A 72 14.69 -11.82 -25.92
N SER A 72 14.69 -11.81 -25.90
CA SER A 72 15.00 -10.42 -26.18
CA SER A 72 15.08 -10.41 -26.12
C SER A 72 14.40 -9.51 -25.12
C SER A 72 14.39 -9.47 -25.13
N TYR A 73 13.19 -9.83 -24.65
CA TYR A 73 12.59 -9.01 -23.59
C TYR A 73 13.43 -9.10 -22.32
N ALA A 74 13.86 -10.31 -21.96
CA ALA A 74 14.69 -10.51 -20.78
C ALA A 74 15.99 -9.74 -20.88
N GLU A 75 16.62 -9.74 -22.07
CA GLU A 75 17.88 -9.03 -22.23
C GLU A 75 17.69 -7.52 -22.09
N LEU A 76 16.59 -6.98 -22.62
CA LEU A 76 16.28 -5.56 -22.46
C LEU A 76 16.06 -5.21 -20.98
N ILE A 77 15.23 -6.02 -20.30
CA ILE A 77 14.96 -5.81 -18.88
C ILE A 77 16.26 -5.84 -18.08
N LYS A 78 17.16 -6.76 -18.41
CA LYS A 78 18.43 -6.82 -17.70
C LYS A 78 19.26 -5.55 -17.92
N GLN A 79 19.23 -4.99 -19.13
CA GLN A 79 19.90 -3.72 -19.37
C GLN A 79 19.26 -2.61 -18.54
N MET A 80 17.94 -2.46 -18.63
CA MET A 80 17.24 -1.39 -17.93
C MET A 80 17.42 -1.46 -16.42
N TRP A 81 17.63 -2.66 -15.86
CA TRP A 81 17.82 -2.82 -14.42
C TRP A 81 19.26 -3.14 -14.04
N SER A 82 20.22 -2.96 -14.96
CA SER A 82 21.62 -3.20 -14.65
C SER A 82 22.20 -2.09 -13.77
N GLY A 83 21.74 -0.86 -13.96
CA GLY A 83 22.33 0.27 -13.30
C GLY A 83 23.39 0.97 -14.10
N LYS A 84 23.64 0.52 -15.34
CA LYS A 84 24.69 1.06 -16.17
C LYS A 84 24.18 2.04 -17.21
N PHE A 85 22.88 2.35 -17.22
CA PHE A 85 22.31 3.16 -18.29
C PHE A 85 21.30 4.16 -17.76
N SER A 86 21.29 5.34 -18.37
CA SER A 86 20.19 6.27 -18.19
C SER A 86 19.13 6.11 -19.27
N TYR A 87 19.51 5.57 -20.42
CA TYR A 87 18.54 5.11 -21.41
C TYR A 87 19.23 4.06 -22.27
N VAL A 88 18.43 3.20 -22.89
CA VAL A 88 18.95 2.26 -23.86
C VAL A 88 18.13 2.40 -25.12
N THR A 89 18.70 1.89 -26.20
CA THR A 89 18.03 1.89 -27.49
C THR A 89 17.57 0.46 -27.77
N PRO A 90 16.27 0.18 -27.71
CA PRO A 90 15.78 -1.20 -27.78
C PRO A 90 15.63 -1.75 -29.20
N ARG A 91 16.70 -1.59 -30.00
CA ARG A 91 16.68 -2.01 -31.40
C ARG A 91 16.48 -3.53 -31.52
N ALA A 92 17.24 -4.29 -30.74
CA ALA A 92 17.19 -5.74 -30.81
C ALA A 92 15.80 -6.26 -30.44
N PHE A 93 15.18 -5.67 -29.42
CA PHE A 93 13.80 -6.03 -29.07
C PHE A 93 12.84 -5.62 -30.19
N LYS A 94 12.98 -4.39 -30.70
CA LYS A 94 12.07 -3.92 -31.73
C LYS A 94 12.15 -4.78 -32.98
N THR A 95 13.35 -5.28 -33.31
CA THR A 95 13.51 -6.17 -34.45
C THR A 95 12.71 -7.45 -34.27
N GLN A 96 12.80 -8.06 -33.08
CA GLN A 96 12.04 -9.28 -32.81
C GLN A 96 10.54 -9.02 -32.87
N VAL A 97 10.07 -7.89 -32.32
CA VAL A 97 8.64 -7.60 -32.39
C VAL A 97 8.19 -7.48 -33.85
N GLY A 98 8.95 -6.74 -34.66
CA GLY A 98 8.57 -6.59 -36.06
C GLY A 98 8.60 -7.90 -36.83
N ARG A 99 9.52 -8.79 -36.44
CA ARG A 99 9.63 -10.09 -37.10
C ARG A 99 8.40 -10.95 -36.84
N PHE A 100 7.93 -10.98 -35.60
CA PHE A 100 6.83 -11.86 -35.23
C PHE A 100 5.48 -11.17 -35.24
N ALA A 101 5.45 -9.84 -35.30
CA ALA A 101 4.21 -9.08 -35.41
C ALA A 101 4.45 -7.90 -36.32
N PRO A 102 4.54 -8.14 -37.64
CA PRO A 102 4.88 -7.04 -38.57
C PRO A 102 3.87 -5.89 -38.59
N GLN A 103 2.67 -6.06 -38.01
CA GLN A 103 1.76 -4.93 -37.90
C GLN A 103 2.36 -3.77 -37.12
N PHE A 104 3.37 -4.03 -36.30
CA PHE A 104 4.09 -2.95 -35.61
C PHE A 104 5.39 -2.64 -36.34
N SER A 105 5.25 -2.09 -37.56
CA SER A 105 6.39 -1.60 -38.32
C SER A 105 5.98 -0.39 -39.12
N GLY A 106 6.91 0.54 -39.28
CA GLY A 106 6.66 1.79 -39.99
C GLY A 106 5.83 2.79 -39.21
N GLN A 110 1.37 3.50 -33.57
CA GLN A 110 0.47 2.39 -33.29
C GLN A 110 -0.24 2.56 -31.94
N ASP A 111 -0.99 1.54 -31.54
CA ASP A 111 -1.78 1.57 -30.31
C ASP A 111 -0.99 0.84 -29.21
N CYS A 112 -0.73 1.55 -28.11
CA CYS A 112 0.00 0.95 -27.00
C CYS A 112 -0.68 -0.34 -26.52
N GLN A 113 -2.01 -0.35 -26.45
N GLN A 113 -2.00 -0.33 -26.43
CA GLN A 113 -2.70 -1.52 -25.90
CA GLN A 113 -2.73 -1.49 -25.92
C GLN A 113 -2.55 -2.73 -26.82
C GLN A 113 -2.53 -2.72 -26.80
N GLU A 114 -2.55 -2.53 -28.13
CA GLU A 114 -2.40 -3.68 -29.03
C GLU A 114 -1.00 -4.25 -28.95
N LEU A 115 0.01 -3.40 -28.77
CA LEU A 115 1.34 -3.94 -28.55
C LEU A 115 1.40 -4.72 -27.24
N LEU A 116 0.79 -4.16 -26.18
N LEU A 116 0.80 -4.16 -26.18
CA LEU A 116 0.76 -4.86 -24.90
CA LEU A 116 0.75 -4.86 -24.90
C LEU A 116 0.10 -6.23 -25.01
C LEU A 116 0.11 -6.24 -25.04
N ALA A 117 -1.06 -6.29 -25.67
CA ALA A 117 -1.72 -7.58 -25.90
C ALA A 117 -0.82 -8.57 -26.62
N PHE A 118 -0.05 -8.09 -27.60
CA PHE A 118 0.86 -8.99 -28.32
C PHE A 118 1.99 -9.46 -27.40
N LEU A 119 2.59 -8.54 -26.62
CA LEU A 119 3.68 -8.96 -25.74
C LEU A 119 3.18 -9.93 -24.66
N LEU A 120 2.01 -9.66 -24.07
CA LEU A 120 1.47 -10.62 -23.10
C LEU A 120 1.25 -11.98 -23.75
N ASP A 121 0.79 -12.00 -24.99
CA ASP A 121 0.58 -13.27 -25.66
C ASP A 121 1.91 -13.94 -25.98
N GLY A 122 2.87 -13.17 -26.48
CA GLY A 122 4.13 -13.75 -26.91
C GLY A 122 5.01 -14.20 -25.76
N LEU A 123 5.03 -13.41 -24.68
CA LEU A 123 5.77 -13.85 -23.50
C LEU A 123 5.15 -15.10 -22.92
N HIS A 124 3.81 -15.18 -22.92
CA HIS A 124 3.15 -16.37 -22.41
C HIS A 124 3.58 -17.62 -23.18
N GLU A 125 3.50 -17.58 -24.51
CA GLU A 125 3.76 -18.81 -25.27
C GLU A 125 5.24 -19.18 -25.24
N ASP A 126 6.12 -18.17 -25.31
CA ASP A 126 7.56 -18.39 -25.20
C ASP A 126 7.95 -18.98 -23.85
N LEU A 127 7.13 -18.81 -22.83
CA LEU A 127 7.41 -19.35 -21.50
C LEU A 127 6.37 -20.37 -21.07
N ASN A 128 5.64 -20.97 -22.01
CA ASN A 128 4.53 -21.85 -21.66
C ASN A 128 5.10 -23.18 -21.16
N ARG A 129 4.74 -23.55 -19.93
CA ARG A 129 5.24 -24.77 -19.32
C ARG A 129 4.65 -26.03 -19.93
N ILE A 130 3.55 -25.91 -20.68
CA ILE A 130 2.95 -27.07 -21.33
C ILE A 130 3.70 -27.27 -22.64
N ARG A 131 4.49 -28.35 -22.70
CA ARG A 131 5.32 -28.59 -23.87
C ARG A 131 4.59 -29.38 -24.94
N LYS A 132 3.58 -30.16 -24.58
CA LYS A 132 2.70 -30.86 -25.54
C LYS A 132 1.27 -30.60 -25.09
N LYS A 133 0.58 -29.67 -25.79
CA LYS A 133 -0.75 -29.24 -25.36
C LYS A 133 -1.81 -30.23 -25.83
N PRO A 134 -2.67 -30.72 -24.94
CA PRO A 134 -3.83 -31.51 -25.38
C PRO A 134 -4.87 -30.61 -26.02
N TYR A 135 -5.55 -31.15 -27.02
CA TYR A 135 -6.73 -30.50 -27.57
C TYR A 135 -7.88 -30.70 -26.61
N ILE A 136 -8.58 -29.62 -26.25
CA ILE A 136 -9.59 -29.66 -25.20
C ILE A 136 -10.90 -29.10 -25.73
N GLN A 137 -11.96 -29.90 -25.68
CA GLN A 137 -13.29 -29.43 -26.04
C GLN A 137 -13.85 -28.65 -24.85
N LEU A 138 -14.00 -27.33 -25.02
CA LEU A 138 -14.49 -26.51 -23.93
C LEU A 138 -16.01 -26.66 -23.79
N LYS A 139 -16.51 -26.43 -22.58
CA LYS A 139 -17.93 -26.65 -22.28
C LYS A 139 -18.56 -25.40 -21.70
N ASP A 140 -19.89 -25.36 -21.73
CA ASP A 140 -20.64 -24.35 -21.01
C ASP A 140 -21.18 -24.95 -19.72
N ALA A 141 -21.85 -24.10 -18.94
CA ALA A 141 -22.25 -24.48 -17.59
C ALA A 141 -23.15 -25.70 -17.59
N ASP A 142 -24.15 -25.72 -18.48
CA ASP A 142 -25.11 -26.84 -18.53
C ASP A 142 -25.77 -27.03 -17.16
N GLY A 143 -26.16 -25.92 -16.53
CA GLY A 143 -26.84 -25.95 -15.26
C GLY A 143 -26.00 -26.29 -14.05
N ARG A 144 -24.69 -26.43 -14.17
CA ARG A 144 -23.88 -26.73 -12.99
C ARG A 144 -23.59 -25.45 -12.21
N PRO A 145 -23.28 -25.55 -10.91
CA PRO A 145 -23.01 -24.34 -10.13
C PRO A 145 -21.77 -23.61 -10.64
N ASP A 146 -21.76 -22.30 -10.39
CA ASP A 146 -20.70 -21.45 -10.94
C ASP A 146 -19.31 -21.89 -10.49
N LYS A 147 -19.14 -22.27 -9.22
CA LYS A 147 -17.81 -22.67 -8.74
C LYS A 147 -17.30 -23.90 -9.49
N VAL A 148 -18.19 -24.84 -9.79
CA VAL A 148 -17.81 -26.06 -10.49
C VAL A 148 -17.37 -25.73 -11.92
N VAL A 149 -18.15 -24.91 -12.62
CA VAL A 149 -17.82 -24.60 -14.01
C VAL A 149 -16.57 -23.74 -14.09
N ALA A 150 -16.44 -22.75 -13.20
CA ALA A 150 -15.23 -21.92 -13.20
C ALA A 150 -13.98 -22.76 -12.95
N GLU A 151 -14.05 -23.68 -11.98
CA GLU A 151 -12.87 -24.50 -11.67
C GLU A 151 -12.50 -25.36 -12.86
N GLU A 152 -13.49 -25.96 -13.51
CA GLU A 152 -13.23 -26.72 -14.73
C GLU A 152 -12.61 -25.86 -15.82
N ALA A 153 -13.11 -24.63 -15.98
CA ALA A 153 -12.56 -23.75 -17.03
C ALA A 153 -11.11 -23.39 -16.74
N TRP A 154 -10.80 -23.09 -15.48
CA TRP A 154 -9.43 -22.76 -15.13
C TRP A 154 -8.52 -23.97 -15.32
N GLU A 155 -8.96 -25.15 -14.91
CA GLU A 155 -8.15 -26.35 -15.13
C GLU A 155 -7.95 -26.62 -16.62
N ASN A 156 -9.00 -26.44 -17.44
CA ASN A 156 -8.83 -26.61 -18.88
C ASN A 156 -7.84 -25.59 -19.44
N HIS A 157 -7.91 -24.35 -18.97
CA HIS A 157 -6.96 -23.31 -19.39
C HIS A 157 -5.53 -23.73 -19.03
N LEU A 158 -5.34 -24.17 -17.79
N LEU A 158 -5.33 -24.19 -17.80
CA LEU A 158 -4.01 -24.53 -17.31
CA LEU A 158 -3.98 -24.50 -17.33
C LEU A 158 -3.43 -25.74 -18.03
C LEU A 158 -3.43 -25.79 -17.94
N LYS A 159 -4.28 -26.64 -18.53
CA LYS A 159 -3.79 -27.82 -19.24
C LYS A 159 -3.11 -27.45 -20.55
N ARG A 160 -3.41 -26.27 -21.10
CA ARG A 160 -2.78 -25.79 -22.32
C ARG A 160 -1.94 -24.54 -22.12
N ASN A 161 -2.16 -23.80 -21.02
CA ASN A 161 -1.60 -22.46 -20.82
C ASN A 161 -1.16 -22.36 -19.37
N ASP A 162 0.14 -22.51 -19.12
CA ASP A 162 0.68 -22.50 -17.76
C ASP A 162 2.01 -21.77 -17.83
N SER A 163 2.05 -20.53 -17.36
CA SER A 163 3.24 -19.71 -17.55
C SER A 163 3.25 -18.63 -16.50
N ILE A 164 4.41 -17.97 -16.38
CA ILE A 164 4.53 -16.80 -15.53
C ILE A 164 3.53 -15.72 -15.94
N ILE A 165 3.17 -15.67 -17.23
CA ILE A 165 2.19 -14.68 -17.67
C ILE A 165 0.78 -15.05 -17.19
N VAL A 166 0.43 -16.34 -17.27
CA VAL A 166 -0.84 -16.81 -16.68
C VAL A 166 -0.88 -16.49 -15.19
N ASP A 167 0.19 -16.86 -14.47
CA ASP A 167 0.28 -16.62 -13.04
C ASP A 167 0.03 -15.16 -12.69
N ILE A 168 0.62 -14.24 -13.46
CA ILE A 168 0.62 -12.84 -13.06
C ILE A 168 -0.61 -12.09 -13.58
N PHE A 169 -0.97 -12.33 -14.84
CA PHE A 169 -1.91 -11.47 -15.54
C PHE A 169 -3.27 -12.08 -15.85
N HIS A 170 -3.42 -13.41 -15.84
CA HIS A 170 -4.65 -14.01 -16.35
C HIS A 170 -5.73 -14.09 -15.28
N GLY A 171 -6.92 -13.59 -15.59
CA GLY A 171 -8.10 -13.78 -14.77
C GLY A 171 -9.21 -14.55 -15.48
N LEU A 172 -10.39 -14.57 -14.88
CA LEU A 172 -11.55 -15.25 -15.44
C LEU A 172 -12.77 -14.35 -15.34
N PHE A 173 -13.55 -14.23 -16.41
CA PHE A 173 -14.89 -13.74 -16.13
C PHE A 173 -15.93 -14.78 -16.53
N LYS A 174 -17.12 -14.59 -15.97
CA LYS A 174 -18.30 -15.36 -16.34
C LYS A 174 -19.00 -14.62 -17.48
N SER A 175 -19.29 -15.34 -18.56
CA SER A 175 -19.94 -14.76 -19.74
C SER A 175 -21.31 -15.41 -19.87
N THR A 176 -22.35 -14.58 -19.87
CA THR A 176 -23.73 -15.05 -20.04
C THR A 176 -24.26 -14.53 -21.36
N LEU A 177 -24.54 -15.42 -22.32
CA LEU A 177 -25.08 -15.01 -23.61
C LEU A 177 -26.50 -15.53 -23.77
N VAL A 178 -27.37 -14.65 -24.27
CA VAL A 178 -28.80 -14.94 -24.40
C VAL A 178 -29.21 -14.68 -25.83
N CYS A 179 -29.67 -15.72 -26.53
CA CYS A 179 -30.12 -15.57 -27.90
C CYS A 179 -31.43 -14.80 -27.95
N PRO A 180 -31.54 -13.75 -28.77
CA PRO A 180 -32.79 -12.98 -28.80
C PRO A 180 -33.96 -13.74 -29.42
N GLU A 181 -33.69 -14.79 -30.17
CA GLU A 181 -34.74 -15.48 -30.89
C GLU A 181 -35.27 -16.70 -30.14
N CYS A 182 -34.39 -17.58 -29.69
CA CYS A 182 -34.83 -18.76 -28.97
C CYS A 182 -34.71 -18.59 -27.46
N ALA A 183 -34.14 -17.48 -26.99
CA ALA A 183 -33.93 -17.17 -25.57
C ALA A 183 -33.03 -18.18 -24.86
N LYS A 184 -32.30 -19.02 -25.59
CA LYS A 184 -31.36 -19.93 -24.94
C LYS A 184 -30.28 -19.13 -24.21
N ILE A 185 -29.94 -19.57 -23.00
CA ILE A 185 -28.91 -18.95 -22.16
C ILE A 185 -27.69 -19.86 -22.14
N SER A 186 -26.53 -19.30 -22.44
CA SER A 186 -25.28 -20.04 -22.48
C SER A 186 -24.26 -19.34 -21.58
N VAL A 187 -23.76 -20.07 -20.57
CA VAL A 187 -22.85 -19.53 -19.58
C VAL A 187 -21.49 -20.21 -19.76
N THR A 188 -20.44 -19.41 -19.92
CA THR A 188 -19.08 -19.91 -19.97
C THR A 188 -18.22 -19.07 -19.03
N PHE A 189 -17.07 -19.63 -18.68
CA PHE A 189 -16.07 -18.94 -17.86
C PHE A 189 -14.83 -18.81 -18.72
N ASP A 190 -14.41 -17.57 -18.97
CA ASP A 190 -13.50 -17.30 -20.07
C ASP A 190 -12.28 -16.53 -19.54
N PRO A 191 -11.08 -16.99 -19.83
CA PRO A 191 -9.89 -16.28 -19.34
C PRO A 191 -9.68 -14.96 -20.06
N PHE A 192 -8.91 -14.08 -19.41
CA PHE A 192 -8.52 -12.79 -19.99
C PHE A 192 -7.15 -12.45 -19.44
N CYS A 193 -6.40 -11.62 -20.18
CA CYS A 193 -5.14 -11.09 -19.65
C CYS A 193 -5.12 -9.58 -19.52
N TYR A 194 -6.18 -8.89 -19.95
CA TYR A 194 -6.41 -7.49 -19.58
C TYR A 194 -7.88 -7.18 -19.80
N LEU A 195 -8.33 -6.02 -19.31
CA LEU A 195 -9.70 -5.55 -19.48
C LEU A 195 -9.73 -4.23 -20.24
N THR A 196 -10.61 -4.13 -21.21
CA THR A 196 -10.89 -2.87 -21.90
C THR A 196 -12.21 -2.34 -21.37
N LEU A 197 -12.16 -1.20 -20.68
CA LEU A 197 -13.33 -0.62 -20.04
C LEU A 197 -13.93 0.47 -20.91
N PRO A 198 -15.24 0.44 -21.14
CA PRO A 198 -15.86 1.53 -21.90
C PRO A 198 -15.98 2.78 -21.05
N LEU A 199 -16.01 3.94 -21.73
CA LEU A 199 -16.33 5.18 -21.05
C LEU A 199 -17.74 5.64 -21.42
N PRO A 200 -18.39 6.42 -20.57
CA PRO A 200 -19.75 6.90 -20.89
C PRO A 200 -19.82 7.61 -22.23
N MET A 201 -20.90 7.32 -22.96
CA MET A 201 -21.24 7.95 -24.23
C MET A 201 -22.69 8.41 -24.11
N PRO A 202 -22.98 9.69 -24.36
CA PRO A 202 -22.05 10.76 -24.74
C PRO A 202 -21.05 11.13 -23.65
N LYS A 203 -19.99 11.84 -24.04
CA LYS A 203 -18.90 12.13 -23.12
C LYS A 203 -19.39 12.85 -21.87
N LYS A 204 -18.92 12.40 -20.72
CA LYS A 204 -19.06 13.15 -19.50
C LYS A 204 -17.72 13.77 -19.12
N PRO A 205 -17.71 14.88 -18.38
CA PRO A 205 -16.42 15.48 -18.04
C PRO A 205 -15.69 14.72 -16.96
N PHE A 206 -16.41 13.98 -16.11
CA PHE A 206 -15.81 13.28 -14.98
C PHE A 206 -16.53 11.95 -14.80
N VAL A 207 -15.75 10.88 -14.62
CA VAL A 207 -16.33 9.59 -14.25
C VAL A 207 -15.33 8.86 -13.38
N LYS A 208 -15.85 8.20 -12.35
CA LYS A 208 -15.01 7.33 -11.54
C LYS A 208 -14.70 6.05 -12.31
N LEU A 209 -13.56 5.44 -11.99
CA LEU A 209 -13.23 4.17 -12.63
C LEU A 209 -14.29 3.12 -12.33
N LYS A 210 -14.86 3.14 -11.13
CA LYS A 210 -15.88 2.14 -10.77
C LYS A 210 -17.08 2.19 -11.70
N ASP A 211 -17.45 3.38 -12.19
CA ASP A 211 -18.55 3.47 -13.14
C ASP A 211 -18.21 2.82 -14.46
N CYS A 212 -16.96 2.92 -14.91
CA CYS A 212 -16.57 2.29 -16.17
C CYS A 212 -16.53 0.78 -16.01
N ILE A 213 -16.15 0.30 -14.83
CA ILE A 213 -16.22 -1.12 -14.53
C ILE A 213 -17.67 -1.58 -14.56
N GLU A 214 -18.57 -0.75 -14.00
CA GLU A 214 -20.00 -1.04 -14.05
C GLU A 214 -20.51 -1.11 -15.47
N LEU A 215 -20.07 -0.20 -16.32
CA LEU A 215 -20.41 -0.28 -17.74
C LEU A 215 -19.91 -1.59 -18.32
N PHE A 216 -18.70 -2.00 -17.94
CA PHE A 216 -18.11 -3.22 -18.48
C PHE A 216 -18.97 -4.43 -18.14
N THR A 217 -19.52 -4.47 -16.94
CA THR A 217 -20.31 -5.62 -16.52
C THR A 217 -21.79 -5.44 -16.77
N THR A 218 -22.18 -4.46 -17.59
CA THR A 218 -23.57 -4.25 -17.97
C THR A 218 -23.92 -5.12 -19.17
N LYS A 219 -25.06 -5.81 -19.09
CA LYS A 219 -25.57 -6.55 -20.23
C LYS A 219 -25.68 -5.63 -21.44
N GLU A 220 -25.07 -6.04 -22.55
CA GLU A 220 -25.12 -5.26 -23.78
C GLU A 220 -25.42 -6.20 -24.93
N LYS A 221 -26.34 -5.78 -25.79
CA LYS A 221 -26.60 -6.52 -27.01
C LYS A 221 -25.36 -6.45 -27.89
N LEU A 222 -24.92 -7.60 -28.38
CA LEU A 222 -23.79 -7.62 -29.30
C LEU A 222 -24.15 -6.82 -30.56
N GLY A 223 -23.18 -6.07 -31.06
CA GLY A 223 -23.39 -5.37 -32.32
C GLY A 223 -23.63 -6.34 -33.46
N ALA A 224 -24.31 -5.84 -34.49
CA ALA A 224 -24.53 -6.67 -35.67
C ALA A 224 -23.22 -7.07 -36.35
N GLU A 225 -22.11 -6.40 -36.03
CA GLU A 225 -20.80 -6.74 -36.58
C GLU A 225 -20.08 -7.84 -35.79
N ASP A 226 -20.65 -8.27 -34.67
N ASP A 226 -20.63 -8.27 -34.65
CA ASP A 226 -20.05 -9.31 -33.83
CA ASP A 226 -20.03 -9.33 -33.85
C ASP A 226 -21.15 -10.22 -33.29
C ASP A 226 -21.13 -10.24 -33.29
N PRO A 227 -21.78 -11.01 -34.14
CA PRO A 227 -22.79 -11.95 -33.66
C PRO A 227 -22.16 -13.24 -33.13
N TRP A 228 -22.96 -13.96 -32.35
CA TRP A 228 -22.55 -15.17 -31.66
C TRP A 228 -23.38 -16.31 -32.19
N TYR A 229 -22.73 -17.42 -32.55
CA TYR A 229 -23.44 -18.56 -33.12
C TYR A 229 -24.36 -19.19 -32.09
N CYS A 230 -25.65 -19.26 -32.40
CA CYS A 230 -26.57 -19.99 -31.53
C CYS A 230 -26.69 -21.42 -32.02
N PRO A 231 -26.41 -22.42 -31.18
CA PRO A 231 -26.55 -23.81 -31.65
C PRO A 231 -28.00 -24.23 -31.83
N ASN A 232 -28.91 -23.66 -31.03
CA ASN A 232 -30.33 -23.99 -31.19
C ASN A 232 -30.87 -23.46 -32.52
N CYS A 233 -30.71 -22.15 -32.77
CA CYS A 233 -31.19 -21.59 -34.03
C CYS A 233 -30.32 -21.98 -35.22
N LYS A 234 -29.14 -22.56 -35.00
CA LYS A 234 -28.17 -22.84 -36.07
C LYS A 234 -27.90 -21.61 -36.93
N GLU A 235 -27.75 -20.45 -36.27
CA GLU A 235 -27.35 -19.22 -36.94
C GLU A 235 -26.64 -18.31 -35.97
N HIS A 236 -25.90 -17.36 -36.54
CA HIS A 236 -25.29 -16.30 -35.76
C HIS A 236 -26.35 -15.27 -35.38
N GLN A 237 -26.38 -14.89 -34.11
CA GLN A 237 -27.43 -14.02 -33.59
C GLN A 237 -26.80 -12.86 -32.84
N GLN A 238 -27.53 -11.76 -32.79
CA GLN A 238 -27.14 -10.62 -31.96
C GLN A 238 -27.60 -10.89 -30.52
N ALA A 239 -26.92 -11.83 -29.87
CA ALA A 239 -27.21 -12.10 -28.48
C ALA A 239 -26.83 -10.91 -27.62
N THR A 240 -27.37 -10.85 -26.41
CA THR A 240 -26.80 -9.98 -25.40
C THR A 240 -25.73 -10.75 -24.65
N LYS A 241 -24.70 -10.02 -24.23
CA LYS A 241 -23.60 -10.59 -23.47
C LYS A 241 -23.48 -9.84 -22.15
N LYS A 242 -23.44 -10.58 -21.05
CA LYS A 242 -23.25 -10.02 -19.73
C LYS A 242 -21.99 -10.64 -19.13
N LEU A 243 -21.03 -9.80 -18.75
CA LEU A 243 -19.80 -10.26 -18.13
C LEU A 243 -19.80 -9.95 -16.65
N ASP A 244 -19.39 -10.92 -15.83
CA ASP A 244 -19.12 -10.72 -14.41
C ASP A 244 -17.66 -11.08 -14.15
N LEU A 245 -16.93 -10.19 -13.50
CA LEU A 245 -15.54 -10.49 -13.20
C LEU A 245 -15.50 -11.59 -12.15
N TRP A 246 -15.00 -12.76 -12.53
CA TRP A 246 -15.09 -13.91 -11.65
C TRP A 246 -13.82 -14.08 -10.82
N SER A 247 -12.67 -14.07 -11.47
CA SER A 247 -11.40 -14.25 -10.80
C SER A 247 -10.45 -13.19 -11.33
N LEU A 248 -9.81 -12.45 -10.44
CA LEU A 248 -8.96 -11.33 -10.82
C LEU A 248 -7.50 -11.65 -10.59
N PRO A 249 -6.61 -11.27 -11.52
CA PRO A 249 -5.19 -11.70 -11.43
C PRO A 249 -4.39 -10.84 -10.47
N PRO A 250 -3.20 -11.30 -10.07
CA PRO A 250 -2.34 -10.48 -9.19
C PRO A 250 -1.99 -9.13 -9.81
N VAL A 251 -1.82 -9.06 -11.13
CA VAL A 251 -1.62 -7.77 -11.81
C VAL A 251 -2.73 -7.61 -12.84
N LEU A 252 -3.54 -6.58 -12.64
CA LEU A 252 -4.69 -6.30 -13.50
C LEU A 252 -4.34 -5.14 -14.43
N VAL A 253 -4.41 -5.39 -15.72
CA VAL A 253 -4.14 -4.38 -16.74
C VAL A 253 -5.49 -3.84 -17.21
N VAL A 254 -5.70 -2.54 -17.06
CA VAL A 254 -6.98 -1.90 -17.28
C VAL A 254 -6.80 -0.87 -18.40
N HIS A 255 -7.39 -1.15 -19.56
CA HIS A 255 -7.28 -0.30 -20.74
C HIS A 255 -8.55 0.56 -20.84
N LEU A 256 -8.39 1.88 -20.80
CA LEU A 256 -9.51 2.81 -20.91
C LEU A 256 -9.81 3.05 -22.39
N LYS A 257 -11.02 2.72 -22.82
CA LYS A 257 -11.36 2.76 -24.25
C LYS A 257 -11.63 4.22 -24.65
N ARG A 258 -10.55 4.99 -24.81
CA ARG A 258 -10.67 6.40 -25.10
C ARG A 258 -11.00 6.68 -26.55
N PHE A 259 -10.64 5.76 -27.45
CA PHE A 259 -10.86 5.93 -28.87
C PHE A 259 -12.21 5.33 -29.28
N SER A 260 -13.26 5.84 -28.61
CA SER A 260 -14.64 5.41 -28.78
C SER A 260 -15.39 6.20 -29.85
N TYR A 261 -14.79 7.25 -30.39
CA TYR A 261 -15.45 8.03 -31.44
C TYR A 261 -15.33 7.34 -32.79
N SER A 262 -16.31 7.57 -33.65
CA SER A 262 -16.14 7.20 -35.05
C SER A 262 -14.98 8.00 -35.63
N ARG A 263 -14.24 7.36 -36.54
CA ARG A 263 -12.93 7.86 -36.92
C ARG A 263 -12.98 9.24 -37.57
N TYR A 264 -14.10 9.63 -38.18
CA TYR A 264 -14.12 10.94 -38.83
C TYR A 264 -14.03 12.08 -37.83
N MET A 265 -14.41 11.86 -36.57
CA MET A 265 -14.30 12.94 -35.59
C MET A 265 -12.84 13.27 -35.27
N ARG A 266 -11.93 12.30 -35.39
CA ARG A 266 -10.50 12.52 -35.22
C ARG A 266 -10.18 13.09 -33.83
N ASP A 267 -10.93 12.64 -32.82
CA ASP A 267 -10.72 13.03 -31.43
C ASP A 267 -10.85 11.79 -30.57
N LYS A 268 -10.64 11.96 -29.26
CA LYS A 268 -10.84 10.88 -28.31
C LYS A 268 -11.69 11.37 -27.14
N LEU A 269 -12.21 10.43 -26.38
CA LEU A 269 -12.91 10.75 -25.14
C LEU A 269 -11.88 11.24 -24.13
N ASP A 270 -11.80 12.56 -23.94
CA ASP A 270 -10.91 13.15 -22.96
C ASP A 270 -11.58 13.33 -21.60
N THR A 271 -12.47 12.42 -21.23
CA THR A 271 -13.04 12.41 -19.89
C THR A 271 -11.93 12.31 -18.85
N LEU A 272 -12.06 13.08 -17.77
CA LEU A 272 -11.24 12.86 -16.59
C LEU A 272 -11.78 11.60 -15.93
N VAL A 273 -11.12 10.46 -16.17
CA VAL A 273 -11.45 9.23 -15.46
C VAL A 273 -10.67 9.27 -14.16
N ASP A 274 -11.38 9.33 -13.03
CA ASP A 274 -10.76 9.34 -11.71
C ASP A 274 -10.52 7.89 -11.29
N PHE A 275 -9.24 7.44 -11.33
CA PHE A 275 -8.90 6.09 -10.94
C PHE A 275 -8.05 6.10 -9.66
N PRO A 276 -8.23 5.13 -8.79
CA PRO A 276 -7.49 5.15 -7.52
C PRO A 276 -6.00 4.98 -7.74
N ILE A 277 -5.22 5.77 -6.99
CA ILE A 277 -3.82 5.46 -6.78
C ILE A 277 -3.68 4.27 -5.85
N ASN A 278 -4.45 4.28 -4.75
CA ASN A 278 -4.44 3.23 -3.75
C ASN A 278 -5.84 2.67 -3.56
N ASP A 279 -5.91 1.36 -3.35
CA ASP A 279 -7.13 0.68 -2.90
C ASP A 279 -8.31 0.83 -3.87
N LEU A 280 -8.07 0.39 -5.10
CA LEU A 280 -9.18 0.08 -5.99
C LEU A 280 -9.75 -1.25 -5.56
N ASP A 281 -11.03 -1.27 -5.16
CA ASP A 281 -11.69 -2.48 -4.67
C ASP A 281 -12.55 -3.08 -5.76
N MET A 282 -12.33 -4.35 -6.07
CA MET A 282 -13.10 -5.06 -7.08
C MET A 282 -13.27 -6.50 -6.64
N SER A 283 -14.51 -7.00 -6.73
CA SER A 283 -14.84 -8.40 -6.47
C SER A 283 -14.06 -8.96 -5.28
N GLY A 284 -14.14 -8.24 -4.16
CA GLY A 284 -13.46 -8.66 -2.95
C GLY A 284 -11.95 -8.53 -2.95
N CYS A 285 -11.35 -7.98 -4.00
CA CYS A 285 -9.90 -7.78 -4.07
C CYS A 285 -9.59 -6.29 -3.96
N ARG A 286 -8.40 -5.99 -3.44
CA ARG A 286 -7.94 -4.62 -3.29
C ARG A 286 -6.65 -4.42 -4.10
N TYR A 287 -6.64 -3.39 -4.95
CA TYR A 287 -5.55 -3.16 -5.88
C TYR A 287 -4.91 -1.80 -5.67
N ASN A 288 -3.59 -1.72 -5.93
CA ASN A 288 -2.84 -0.46 -5.92
C ASN A 288 -2.18 -0.24 -7.27
N LEU A 289 -2.17 1.02 -7.70
CA LEU A 289 -1.60 1.37 -8.99
C LEU A 289 -0.08 1.26 -8.95
N ILE A 290 0.50 0.65 -10.00
CA ILE A 290 1.95 0.60 -10.12
C ILE A 290 2.46 1.28 -11.38
N ALA A 291 1.61 1.50 -12.39
CA ALA A 291 2.07 2.08 -13.64
C ALA A 291 0.88 2.58 -14.45
N VAL A 292 1.12 3.63 -15.25
CA VAL A 292 0.13 4.20 -16.16
C VAL A 292 0.81 4.50 -17.49
N SER A 293 0.23 4.00 -18.58
CA SER A 293 0.59 4.46 -19.93
C SER A 293 -0.26 5.68 -20.25
N ASN A 294 0.37 6.80 -20.60
CA ASN A 294 -0.36 8.00 -20.98
C ASN A 294 -0.37 8.14 -22.50
N HIS A 295 -1.43 8.76 -23.04
CA HIS A 295 -1.46 9.15 -24.45
C HIS A 295 -1.82 10.62 -24.58
N TYR A 296 -0.99 11.39 -25.28
CA TYR A 296 -1.25 12.79 -25.58
C TYR A 296 -1.67 12.92 -27.03
N GLY A 297 -2.77 13.64 -27.29
CA GLY A 297 -3.26 13.80 -28.65
C GLY A 297 -2.27 14.53 -29.52
N GLY A 298 -2.30 14.22 -30.81
CA GLY A 298 -1.35 14.78 -31.76
C GLY A 298 -1.68 14.33 -33.16
N MET A 299 -1.14 15.06 -34.13
CA MET A 299 -1.55 14.89 -35.53
C MET A 299 -1.21 13.50 -36.04
N GLY A 300 -0.02 12.98 -35.70
CA GLY A 300 0.41 11.71 -36.23
C GLY A 300 0.16 10.53 -35.32
N GLY A 301 -1.02 10.49 -34.70
CA GLY A 301 -1.34 9.48 -33.72
C GLY A 301 -0.93 9.83 -32.30
N GLY A 302 -0.37 11.01 -32.07
CA GLY A 302 -0.05 11.44 -30.73
C GLY A 302 1.24 10.84 -30.19
N HIS A 303 1.36 10.92 -28.87
CA HIS A 303 2.59 10.51 -28.19
C HIS A 303 2.24 9.77 -26.92
N TYR A 304 2.97 8.70 -26.65
CA TYR A 304 2.77 7.87 -25.46
C TYR A 304 3.92 8.11 -24.49
N THR A 305 3.60 8.18 -23.20
CA THR A 305 4.61 8.25 -22.13
C THR A 305 4.15 7.29 -21.03
N ALA A 306 4.85 7.28 -19.89
CA ALA A 306 4.44 6.42 -18.78
C ALA A 306 4.81 7.01 -17.43
N PHE A 307 3.94 6.79 -16.44
CA PHE A 307 4.27 6.89 -15.01
C PHE A 307 4.49 5.49 -14.47
N ALA A 308 5.45 5.33 -13.57
CA ALA A 308 5.62 4.04 -12.91
C ALA A 308 6.28 4.21 -11.56
N LYS A 309 5.92 3.32 -10.64
CA LYS A 309 6.48 3.29 -9.31
C LYS A 309 7.69 2.35 -9.29
N ASN A 310 8.83 2.84 -8.83
CA ASN A 310 10.03 2.02 -8.81
C ASN A 310 10.00 1.06 -7.62
N LYS A 311 10.21 -0.23 -7.89
CA LYS A 311 10.10 -1.23 -6.82
C LYS A 311 11.17 -1.10 -5.75
N ASP A 312 12.28 -0.42 -6.03
CA ASP A 312 13.40 -0.40 -5.08
C ASP A 312 13.38 0.82 -4.16
N ASP A 313 12.73 1.92 -4.55
CA ASP A 313 12.59 3.07 -3.66
C ASP A 313 11.16 3.50 -3.38
N GLY A 314 10.16 2.87 -4.02
CA GLY A 314 8.77 3.19 -3.75
C GLY A 314 8.31 4.55 -4.28
N LYS A 315 9.11 5.23 -5.09
CA LYS A 315 8.74 6.54 -5.58
C LYS A 315 8.23 6.44 -7.01
N TRP A 316 7.43 7.44 -7.42
CA TRP A 316 6.90 7.54 -8.77
C TRP A 316 7.85 8.30 -9.68
N TYR A 317 7.95 7.83 -10.92
CA TYR A 317 8.77 8.46 -11.94
C TYR A 317 7.96 8.57 -13.22
N TYR A 318 8.41 9.50 -14.07
CA TYR A 318 7.83 9.77 -15.38
C TYR A 318 8.85 9.40 -16.44
N PHE A 319 8.42 8.58 -17.41
CA PHE A 319 9.27 8.08 -18.50
C PHE A 319 8.73 8.64 -19.82
N ASP A 320 9.53 9.47 -20.48
CA ASP A 320 9.20 10.03 -21.78
C ASP A 320 10.33 9.61 -22.72
N ASP A 321 10.13 8.49 -23.39
CA ASP A 321 11.17 7.88 -24.21
C ASP A 321 12.47 7.82 -23.41
N SER A 322 13.51 8.54 -23.84
CA SER A 322 14.82 8.40 -23.20
C SER A 322 14.93 9.13 -21.87
N SER A 323 13.98 10.00 -21.54
CA SER A 323 14.10 10.83 -20.35
C SER A 323 13.31 10.23 -19.20
N VAL A 324 13.94 10.18 -18.03
CA VAL A 324 13.32 9.73 -16.79
C VAL A 324 13.38 10.86 -15.79
N SER A 325 12.27 11.12 -15.11
CA SER A 325 12.24 12.20 -14.14
C SER A 325 11.37 11.81 -12.97
N THR A 326 11.59 12.48 -11.84
CA THR A 326 10.77 12.24 -10.68
C THR A 326 9.34 12.71 -10.95
N ALA A 327 8.39 12.06 -10.30
CA ALA A 327 6.99 12.41 -10.44
C ALA A 327 6.35 12.33 -9.07
N SER A 328 5.14 12.86 -8.95
CA SER A 328 4.34 12.73 -7.75
C SER A 328 3.01 12.09 -8.11
N GLU A 329 2.43 11.35 -7.17
CA GLU A 329 1.19 10.66 -7.52
C GLU A 329 0.05 11.64 -7.75
N ASP A 330 0.14 12.84 -7.18
CA ASP A 330 -0.87 13.85 -7.44
C ASP A 330 -0.94 14.27 -8.90
N GLN A 331 0.13 14.05 -9.70
CA GLN A 331 0.07 14.37 -11.12
C GLN A 331 -0.60 13.29 -11.97
N ILE A 332 -0.84 12.10 -11.43
CA ILE A 332 -0.99 10.95 -12.30
C ILE A 332 -2.41 10.85 -12.86
N VAL A 333 -3.42 11.23 -12.09
CA VAL A 333 -4.78 11.20 -12.61
C VAL A 333 -4.94 12.44 -13.49
N SER A 334 -4.92 12.24 -14.80
CA SER A 334 -5.13 13.28 -15.78
C SER A 334 -5.87 12.64 -16.95
N LYS A 335 -6.32 13.49 -17.87
CA LYS A 335 -7.04 13.00 -19.05
C LYS A 335 -6.14 12.19 -19.96
N ALA A 336 -4.83 12.31 -19.81
CA ALA A 336 -3.90 11.56 -20.64
C ALA A 336 -3.84 10.08 -20.27
N ALA A 337 -4.33 9.70 -19.08
CA ALA A 337 -4.22 8.31 -18.65
C ALA A 337 -5.00 7.37 -19.58
N TYR A 338 -4.34 6.30 -19.99
CA TYR A 338 -4.87 5.44 -21.05
C TYR A 338 -4.85 3.95 -20.67
N VAL A 339 -3.73 3.42 -20.19
CA VAL A 339 -3.67 2.05 -19.65
C VAL A 339 -3.17 2.12 -18.22
N LEU A 340 -3.86 1.43 -17.30
CA LEU A 340 -3.52 1.42 -15.88
C LEU A 340 -3.07 0.02 -15.48
N PHE A 341 -1.97 -0.07 -14.73
CA PHE A 341 -1.49 -1.34 -14.20
C PHE A 341 -1.72 -1.33 -12.70
N TYR A 342 -2.49 -2.29 -12.20
CA TYR A 342 -2.82 -2.43 -10.79
C TYR A 342 -2.24 -3.73 -10.24
N GLN A 343 -1.72 -3.70 -9.03
CA GLN A 343 -1.18 -4.89 -8.39
C GLN A 343 -1.99 -5.21 -7.14
N ARG A 344 -2.40 -6.46 -7.01
CA ARG A 344 -3.23 -6.87 -5.88
C ARG A 344 -2.46 -6.76 -4.57
N GLN A 345 -3.13 -6.21 -3.57
CA GLN A 345 -2.58 -6.13 -2.22
C GLN A 345 -2.62 -7.51 -1.57
N ASP A 346 -1.58 -7.84 -0.80
CA ASP A 346 -1.51 -9.17 -0.19
C ASP A 346 -2.71 -9.44 0.72
N SER A 347 -2.94 -8.55 1.70
CA SER A 347 -4.06 -8.68 2.61
C SER A 347 -4.70 -7.32 2.80
N SER A 348 -5.85 -7.30 3.49
N SER A 348 -5.87 -7.29 3.47
CA SER A 348 -6.58 -6.05 3.71
CA SER A 348 -6.58 -6.04 3.71
C SER A 348 -7.41 -6.18 4.98
C SER A 348 -7.41 -6.18 4.98
N GLY A 349 -7.15 -5.31 5.96
CA GLY A 349 -7.92 -5.29 7.20
C GLY A 349 -7.66 -6.43 8.18
N GLY B 11 31.05 -4.16 13.31
CA GLY B 11 30.26 -4.82 12.30
C GLY B 11 30.08 -4.01 11.03
N ARG B 12 31.21 -3.54 10.49
CA ARG B 12 31.21 -2.73 9.28
C ARG B 12 31.19 -3.64 8.06
N ASN B 13 30.07 -3.66 7.36
CA ASN B 13 29.91 -4.33 6.08
C ASN B 13 28.93 -3.51 5.24
N ASN B 14 29.16 -3.48 3.92
CA ASN B 14 28.26 -2.74 3.05
C ASN B 14 26.91 -3.42 2.97
N GLU B 15 25.83 -2.70 3.30
CA GLU B 15 24.50 -3.28 3.43
C GLU B 15 23.47 -2.31 2.90
N GLN B 16 22.25 -2.80 2.73
CA GLN B 16 21.16 -1.92 2.37
C GLN B 16 20.92 -0.93 3.52
N PRO B 17 20.80 0.36 3.23
CA PRO B 17 20.51 1.33 4.30
C PRO B 17 19.26 0.92 5.08
N GLY B 18 19.35 1.02 6.41
CA GLY B 18 18.23 0.71 7.27
C GLY B 18 18.12 -0.75 7.68
N LEU B 19 18.81 -1.65 6.97
CA LEU B 19 18.85 -3.06 7.35
C LEU B 19 20.03 -3.30 8.29
N CYS B 20 19.96 -2.65 9.45
CA CYS B 20 21.07 -2.53 10.37
C CYS B 20 20.61 -2.92 11.76
N GLY B 21 21.27 -3.93 12.35
CA GLY B 21 20.94 -4.38 13.68
C GLY B 21 21.57 -3.52 14.77
N LEU B 22 21.24 -3.84 16.02
CA LEU B 22 21.73 -3.11 17.18
C LEU B 22 22.19 -4.09 18.23
N SER B 23 23.46 -4.01 18.65
CA SER B 23 23.95 -4.93 19.66
C SER B 23 23.20 -4.77 20.97
N ASN B 24 22.97 -5.89 21.64
CA ASN B 24 22.47 -5.86 23.00
C ASN B 24 23.63 -5.53 23.93
N LEU B 25 23.48 -4.47 24.71
CA LEU B 25 24.51 -4.07 25.67
C LEU B 25 24.36 -4.77 27.01
N GLY B 26 23.33 -5.60 27.16
CA GLY B 26 23.02 -6.19 28.44
C GLY B 26 21.67 -5.70 28.88
N ASN B 27 20.64 -6.49 28.59
CA ASN B 27 19.24 -6.14 28.87
C ASN B 27 18.82 -4.84 28.21
N THR B 28 19.33 -4.56 27.01
CA THR B 28 18.89 -3.38 26.26
C THR B 28 18.08 -3.74 25.01
N CYS B 29 17.49 -4.94 24.96
CA CYS B 29 16.65 -5.25 23.81
C CYS B 29 15.38 -4.38 23.80
N PHE B 30 14.92 -3.91 24.98
CA PHE B 30 13.77 -3.00 25.01
C PHE B 30 14.09 -1.72 24.25
N MET B 31 15.33 -1.26 24.35
CA MET B 31 15.73 -0.06 23.63
C MET B 31 15.90 -0.32 22.15
N ASN B 32 16.54 -1.44 21.78
CA ASN B 32 16.74 -1.73 20.37
C ASN B 32 15.41 -1.88 19.64
N SER B 33 14.45 -2.55 20.27
CA SER B 33 13.13 -2.72 19.65
C SER B 33 12.47 -1.38 19.38
N ALA B 34 12.48 -0.51 20.39
CA ALA B 34 11.91 0.83 20.24
C ALA B 34 12.64 1.63 19.16
N ILE B 35 13.99 1.59 19.15
CA ILE B 35 14.74 2.31 18.12
C ILE B 35 14.39 1.79 16.72
N GLN B 36 14.23 0.46 16.57
CA GLN B 36 13.91 -0.07 15.25
C GLN B 36 12.57 0.44 14.77
N CYS B 37 11.59 0.55 15.67
CA CYS B 37 10.30 1.09 15.31
C CYS B 37 10.43 2.55 14.87
N LEU B 38 11.16 3.36 15.64
CA LEU B 38 11.32 4.77 15.27
C LEU B 38 12.16 4.91 14.00
N SER B 39 13.23 4.12 13.89
CA SER B 39 14.07 4.18 12.71
C SER B 39 13.27 3.90 11.45
N ASN B 40 12.26 3.05 11.57
CA ASN B 40 11.45 2.68 10.42
C ASN B 40 10.14 3.44 10.37
N THR B 41 10.13 4.65 10.96
CA THR B 41 9.10 5.66 10.77
C THR B 41 9.60 6.63 9.72
N PRO B 42 9.13 6.54 8.47
CA PRO B 42 9.85 7.20 7.35
C PRO B 42 9.96 8.71 7.49
N PRO B 43 8.89 9.45 7.83
CA PRO B 43 9.07 10.92 7.96
C PRO B 43 10.05 11.32 9.05
N LEU B 44 10.19 10.50 10.10
CA LEU B 44 11.14 10.85 11.16
C LEU B 44 12.56 10.62 10.70
N THR B 45 12.81 9.46 10.09
CA THR B 45 14.16 9.15 9.62
C THR B 45 14.57 10.10 8.51
N GLU B 46 13.65 10.46 7.62
CA GLU B 46 14.01 11.35 6.52
C GLU B 46 14.30 12.76 7.03
N TYR B 47 13.55 13.22 8.03
CA TYR B 47 13.86 14.49 8.69
C TYR B 47 15.29 14.53 9.19
N PHE B 48 15.77 13.44 9.80
CA PHE B 48 17.14 13.43 10.28
C PHE B 48 18.16 13.21 9.17
N LEU B 49 17.87 12.34 8.20
CA LEU B 49 18.85 12.09 7.14
C LEU B 49 19.01 13.30 6.23
N ASN B 50 17.98 14.14 6.12
CA ASN B 50 18.04 15.34 5.32
C ASN B 50 18.61 16.53 6.07
N ASP B 51 19.18 16.29 7.26
CA ASP B 51 19.80 17.33 8.08
C ASP B 51 18.84 18.49 8.33
N LYS B 52 17.59 18.18 8.63
CA LYS B 52 16.64 19.23 8.95
C LYS B 52 16.61 19.57 10.44
N TYR B 53 17.33 18.83 11.27
CA TYR B 53 17.20 18.98 12.71
C TYR B 53 18.15 20.02 13.28
N GLN B 54 19.33 20.20 12.68
CA GLN B 54 20.34 21.09 13.23
C GLN B 54 19.76 22.46 13.53
N GLU B 55 18.99 23.01 12.59
CA GLU B 55 18.42 24.33 12.74
C GLU B 55 17.26 24.37 13.72
N GLU B 56 16.73 23.22 14.14
CA GLU B 56 15.59 23.18 15.04
C GLU B 56 15.97 22.77 16.46
N LEU B 57 17.21 22.37 16.69
CA LEU B 57 17.67 22.01 18.02
C LEU B 57 17.44 23.16 18.99
N ASN B 58 16.87 22.85 20.14
CA ASN B 58 16.43 23.85 21.11
C ASN B 58 17.29 23.66 22.35
N PHE B 59 18.31 24.50 22.51
CA PHE B 59 19.27 24.33 23.60
C PHE B 59 18.76 24.88 24.92
N ASP B 60 17.81 25.83 24.91
CA ASP B 60 17.37 26.51 26.12
C ASP B 60 16.02 26.03 26.64
N ASN B 61 15.30 25.19 25.90
CA ASN B 61 14.02 24.66 26.36
C ASN B 61 14.16 24.11 27.78
N PRO B 62 13.45 24.67 28.77
CA PRO B 62 13.58 24.16 30.15
C PRO B 62 13.08 22.73 30.33
N LEU B 63 12.31 22.20 29.39
CA LEU B 63 11.82 20.82 29.47
C LEU B 63 12.59 19.87 28.57
N GLY B 64 13.59 20.36 27.85
CA GLY B 64 14.35 19.55 26.93
C GLY B 64 15.63 19.02 27.55
N MET B 65 16.47 18.46 26.70
CA MET B 65 17.75 17.91 27.11
C MET B 65 18.90 18.68 26.47
N ARG B 66 18.69 19.98 26.24
CA ARG B 66 19.66 20.84 25.57
C ARG B 66 20.10 20.28 24.21
N GLY B 67 19.19 19.57 23.54
CA GLY B 67 19.49 19.05 22.23
C GLY B 67 20.21 17.72 22.21
N GLU B 68 20.57 17.16 23.37
CA GLU B 68 21.45 16.00 23.42
C GLU B 68 20.76 14.70 23.03
N ILE B 69 19.48 14.55 23.31
CA ILE B 69 18.79 13.32 22.88
C ILE B 69 18.61 13.33 21.36
N ALA B 70 18.18 14.47 20.81
CA ALA B 70 17.97 14.57 19.36
C ALA B 70 19.29 14.41 18.60
N LYS B 71 20.37 14.98 19.12
CA LYS B 71 21.67 14.87 18.44
C LYS B 71 22.16 13.43 18.43
N SER B 72 22.08 12.77 19.58
CA SER B 72 22.53 11.39 19.69
C SER B 72 21.64 10.45 18.88
N TYR B 73 20.32 10.70 18.88
CA TYR B 73 19.43 9.92 18.03
C TYR B 73 19.77 10.09 16.55
N ALA B 74 19.95 11.35 16.12
CA ALA B 74 20.30 11.63 14.72
C ALA B 74 21.57 10.91 14.27
N GLU B 75 22.59 10.89 15.12
CA GLU B 75 23.84 10.21 14.75
C GLU B 75 23.67 8.71 14.66
N LEU B 76 22.85 8.11 15.54
CA LEU B 76 22.57 6.68 15.43
C LEU B 76 21.84 6.35 14.14
N ILE B 77 20.81 7.14 13.81
CA ILE B 77 20.01 6.91 12.60
C ILE B 77 20.86 7.10 11.35
N LYS B 78 21.80 8.05 11.38
CA LYS B 78 22.69 8.25 10.23
C LYS B 78 23.60 7.05 10.04
N GLN B 79 24.03 6.41 11.13
CA GLN B 79 24.76 5.15 11.00
C GLN B 79 23.88 4.06 10.39
N MET B 80 22.67 3.89 10.94
CA MET B 80 21.82 2.77 10.56
C MET B 80 21.36 2.90 9.11
N TRP B 81 21.29 4.11 8.59
CA TRP B 81 20.85 4.35 7.23
C TRP B 81 21.99 4.77 6.30
N SER B 82 23.23 4.60 6.74
CA SER B 82 24.35 4.93 5.87
C SER B 82 24.57 3.88 4.79
N GLY B 83 24.29 2.61 5.09
CA GLY B 83 24.66 1.53 4.21
C GLY B 83 26.02 0.93 4.52
N LYS B 84 26.71 1.43 5.54
CA LYS B 84 28.03 0.96 5.88
C LYS B 84 28.02 -0.14 6.94
N PHE B 85 26.86 -0.47 7.53
CA PHE B 85 26.83 -1.37 8.67
C PHE B 85 25.76 -2.44 8.51
N SER B 86 26.09 -3.65 8.98
CA SER B 86 25.10 -4.68 9.21
C SER B 86 24.51 -4.59 10.62
N TYR B 87 25.28 -4.10 11.57
CA TYR B 87 24.77 -3.75 12.89
C TYR B 87 25.67 -2.69 13.49
N VAL B 88 25.13 -1.99 14.47
CA VAL B 88 25.87 -0.96 15.20
C VAL B 88 25.65 -1.22 16.68
N THR B 89 26.56 -0.69 17.50
CA THR B 89 26.50 -0.92 18.94
C THR B 89 26.17 0.40 19.63
N PRO B 90 24.91 0.62 20.05
CA PRO B 90 24.41 1.96 20.40
C PRO B 90 24.74 2.44 21.83
N ARG B 91 26.01 2.39 22.18
CA ARG B 91 26.41 2.76 23.54
C ARG B 91 26.28 4.25 23.79
N ALA B 92 26.62 5.07 22.80
CA ALA B 92 26.51 6.52 22.97
C ALA B 92 25.06 6.92 23.20
N PHE B 93 24.14 6.37 22.41
CA PHE B 93 22.73 6.69 22.59
C PHE B 93 22.22 6.16 23.94
N LYS B 94 22.55 4.92 24.29
CA LYS B 94 22.15 4.40 25.59
C LYS B 94 22.67 5.27 26.73
N THR B 95 23.88 5.80 26.58
CA THR B 95 24.45 6.67 27.61
C THR B 95 23.64 7.95 27.75
N GLN B 96 23.29 8.60 26.62
CA GLN B 96 22.53 9.84 26.71
C GLN B 96 21.14 9.59 27.29
N VAL B 97 20.54 8.45 26.97
CA VAL B 97 19.24 8.10 27.54
C VAL B 97 19.37 7.92 29.05
N GLY B 98 20.38 7.18 29.50
CA GLY B 98 20.55 7.00 30.93
C GLY B 98 20.88 8.30 31.64
N ARG B 99 21.56 9.22 30.97
N ARG B 99 21.56 9.21 30.96
CA ARG B 99 21.91 10.51 31.54
CA ARG B 99 21.90 10.50 31.57
C ARG B 99 20.66 11.31 31.87
C ARG B 99 20.63 11.29 31.90
N PHE B 100 19.68 11.34 30.96
CA PHE B 100 18.50 12.17 31.15
C PHE B 100 17.30 11.38 31.67
N ALA B 101 17.34 10.05 31.64
CA ALA B 101 16.27 9.21 32.16
C ALA B 101 16.91 8.04 32.89
N PRO B 102 17.41 8.27 34.11
CA PRO B 102 18.14 7.22 34.83
C PRO B 102 17.32 5.98 35.13
N GLN B 103 15.99 6.07 35.08
CA GLN B 103 15.16 4.88 35.29
C GLN B 103 15.46 3.78 34.27
N PHE B 104 16.10 4.12 33.15
CA PHE B 104 16.49 3.14 32.14
C PHE B 104 17.96 2.73 32.32
N SER B 105 18.31 2.36 33.55
CA SER B 105 19.64 1.84 33.84
C SER B 105 19.54 0.86 34.99
N GLN B 110 13.96 -3.02 30.46
CA GLN B 110 12.82 -2.35 31.06
C GLN B 110 11.58 -2.49 30.15
N ASP B 111 10.65 -1.52 30.19
CA ASP B 111 9.44 -1.56 29.37
C ASP B 111 9.69 -0.75 28.10
N CYS B 112 9.52 -1.41 26.94
CA CYS B 112 9.77 -0.73 25.67
C CYS B 112 8.84 0.46 25.48
N GLN B 113 7.58 0.32 25.92
N GLN B 113 7.59 0.34 25.94
CA GLN B 113 6.60 1.40 25.78
CA GLN B 113 6.62 1.41 25.75
C GLN B 113 6.98 2.62 26.61
C GLN B 113 6.96 2.63 26.61
N GLU B 114 7.47 2.40 27.82
CA GLU B 114 7.89 3.53 28.66
C GLU B 114 9.08 4.24 28.04
N LEU B 115 9.99 3.50 27.42
CA LEU B 115 11.11 4.12 26.74
C LEU B 115 10.64 4.93 25.52
N LEU B 116 9.75 4.34 24.72
CA LEU B 116 9.18 5.07 23.60
C LEU B 116 8.54 6.39 24.05
N ALA B 117 7.78 6.33 25.15
CA ALA B 117 7.13 7.54 25.66
C ALA B 117 8.16 8.61 26.01
N PHE B 118 9.28 8.18 26.60
CA PHE B 118 10.33 9.12 26.94
C PHE B 118 10.99 9.70 25.69
N LEU B 119 11.24 8.85 24.69
CA LEU B 119 11.93 9.33 23.48
C LEU B 119 11.03 10.26 22.68
N LEU B 120 9.73 9.96 22.59
CA LEU B 120 8.82 10.89 21.94
C LEU B 120 8.81 12.23 22.67
N ASP B 121 8.87 12.21 24.00
CA ASP B 121 8.90 13.45 24.75
C ASP B 121 10.22 14.19 24.57
N GLY B 122 11.33 13.46 24.68
CA GLY B 122 12.62 14.12 24.65
C GLY B 122 12.98 14.65 23.27
N LEU B 123 12.63 13.90 22.23
CA LEU B 123 12.86 14.38 20.88
C LEU B 123 11.96 15.59 20.58
N HIS B 124 10.73 15.57 21.09
CA HIS B 124 9.87 16.73 20.92
C HIS B 124 10.49 17.98 21.55
N GLU B 125 10.91 17.89 22.82
CA GLU B 125 11.40 19.11 23.48
C GLU B 125 12.76 19.52 22.93
N ASP B 126 13.63 18.54 22.63
CA ASP B 126 14.92 18.83 22.01
C ASP B 126 14.80 19.54 20.66
N LEU B 127 13.65 19.42 19.99
CA LEU B 127 13.45 19.99 18.66
C LEU B 127 12.25 20.94 18.65
N ASN B 128 11.81 21.38 19.82
CA ASN B 128 10.63 22.25 19.92
C ASN B 128 10.94 23.60 19.26
N ARG B 129 10.15 23.96 18.25
CA ARG B 129 10.38 25.21 17.53
C ARG B 129 9.97 26.43 18.33
N ILE B 130 9.19 26.27 19.39
CA ILE B 130 8.76 27.41 20.20
C ILE B 130 9.90 27.77 21.15
N ARG B 131 10.47 28.96 20.95
CA ARG B 131 11.66 29.40 21.66
C ARG B 131 11.33 29.95 23.03
N LYS B 132 10.25 30.72 23.12
CA LYS B 132 9.77 31.31 24.36
C LYS B 132 8.32 30.88 24.47
N LYS B 133 8.06 29.82 25.24
CA LYS B 133 6.69 29.30 25.29
C LYS B 133 5.85 30.20 26.17
N PRO B 134 4.68 30.62 25.71
CA PRO B 134 3.75 31.34 26.58
C PRO B 134 2.98 30.39 27.46
N TYR B 135 2.58 30.90 28.62
CA TYR B 135 1.70 30.16 29.52
C TYR B 135 0.27 30.31 29.00
N ILE B 136 -0.41 29.19 28.76
CA ILE B 136 -1.75 29.20 28.17
C ILE B 136 -2.71 28.53 29.15
N GLN B 137 -3.74 29.28 29.55
CA GLN B 137 -4.83 28.71 30.33
C GLN B 137 -5.73 27.93 29.38
N LEU B 138 -5.79 26.61 29.58
CA LEU B 138 -6.56 25.76 28.67
C LEU B 138 -8.04 25.85 29.02
N LYS B 139 -8.88 25.46 28.05
CA LYS B 139 -10.32 25.72 28.14
C LYS B 139 -11.10 24.43 27.91
N ASP B 140 -12.37 24.45 28.35
CA ASP B 140 -13.32 23.41 28.00
C ASP B 140 -14.34 23.96 27.00
N ALA B 141 -15.15 23.05 26.47
CA ALA B 141 -16.02 23.39 25.34
C ALA B 141 -16.93 24.58 25.65
N ASP B 142 -17.52 24.61 26.84
CA ASP B 142 -18.40 25.71 27.24
C ASP B 142 -19.55 25.88 26.23
N GLY B 143 -20.16 24.76 25.86
CA GLY B 143 -21.27 24.76 24.93
C GLY B 143 -20.94 25.06 23.48
N ARG B 144 -19.66 25.28 23.13
CA ARG B 144 -19.29 25.55 21.75
C ARG B 144 -19.23 24.25 20.95
N PRO B 145 -19.30 24.34 19.61
CA PRO B 145 -19.26 23.13 18.79
C PRO B 145 -17.88 22.50 18.75
N ASP B 146 -17.87 21.17 18.58
CA ASP B 146 -16.63 20.39 18.69
C ASP B 146 -15.50 20.97 17.83
N LYS B 147 -15.77 21.22 16.54
CA LYS B 147 -14.71 21.70 15.65
C LYS B 147 -14.09 23.00 16.15
N VAL B 148 -14.90 23.88 16.76
CA VAL B 148 -14.37 25.14 17.29
C VAL B 148 -13.47 24.88 18.49
N VAL B 149 -13.90 23.99 19.39
CA VAL B 149 -13.11 23.75 20.60
C VAL B 149 -11.85 22.97 20.25
N ALA B 150 -11.96 22.01 19.33
CA ALA B 150 -10.80 21.22 18.91
C ALA B 150 -9.77 22.08 18.20
N GLU B 151 -10.21 22.98 17.33
CA GLU B 151 -9.27 23.88 16.66
C GLU B 151 -8.59 24.80 17.67
N GLU B 152 -9.34 25.28 18.66
CA GLU B 152 -8.74 26.09 19.71
C GLU B 152 -7.74 25.28 20.52
N ALA B 153 -8.10 24.05 20.90
CA ALA B 153 -7.18 23.19 21.62
C ALA B 153 -5.90 22.96 20.83
N TRP B 154 -6.03 22.69 19.52
CA TRP B 154 -4.85 22.41 18.72
C TRP B 154 -3.98 23.65 18.58
N GLU B 155 -4.59 24.82 18.38
CA GLU B 155 -3.81 26.05 18.30
C GLU B 155 -3.09 26.32 19.63
N ASN B 156 -3.76 26.06 20.75
CA ASN B 156 -3.12 26.26 22.05
C ASN B 156 -1.95 25.29 22.23
N HIS B 157 -2.12 24.05 21.79
CA HIS B 157 -1.02 23.09 21.84
C HIS B 157 0.17 23.60 21.05
N LEU B 158 -0.06 24.04 19.81
CA LEU B 158 1.02 24.44 18.93
C LEU B 158 1.68 25.76 19.34
N LYS B 159 1.01 26.56 20.18
CA LYS B 159 1.64 27.77 20.73
C LYS B 159 2.77 27.43 21.70
N ARG B 160 2.75 26.24 22.29
CA ARG B 160 3.82 25.79 23.17
C ARG B 160 4.61 24.61 22.63
N ASN B 161 4.03 23.85 21.70
CA ASN B 161 4.55 22.55 21.29
C ASN B 161 4.45 22.46 19.77
N ASP B 162 5.56 22.72 19.09
CA ASP B 162 5.62 22.78 17.64
C ASP B 162 6.93 22.14 17.23
N SER B 163 6.88 20.92 16.69
CA SER B 163 8.09 20.15 16.43
C SER B 163 7.75 19.04 15.44
N ILE B 164 8.82 18.44 14.90
CA ILE B 164 8.66 17.31 13.99
C ILE B 164 7.93 16.16 14.69
N ILE B 165 8.05 16.05 16.00
CA ILE B 165 7.35 14.99 16.72
C ILE B 165 5.86 15.29 16.81
N VAL B 166 5.50 16.55 17.06
CA VAL B 166 4.10 16.95 17.00
C VAL B 166 3.54 16.69 15.61
N ASP B 167 4.29 17.10 14.57
CA ASP B 167 3.83 16.92 13.18
C ASP B 167 3.49 15.47 12.89
N ILE B 168 4.31 14.54 13.35
CA ILE B 168 4.20 13.15 12.96
C ILE B 168 3.28 12.36 13.89
N PHE B 169 3.46 12.53 15.20
CA PHE B 169 2.88 11.61 16.17
C PHE B 169 1.72 12.15 16.99
N HIS B 170 1.49 13.47 17.04
CA HIS B 170 0.48 14.01 17.96
C HIS B 170 -0.91 14.05 17.35
N GLY B 171 -1.88 13.50 18.08
CA GLY B 171 -3.28 13.57 17.69
C GLY B 171 -4.07 14.24 18.78
N LEU B 172 -5.40 14.21 18.68
CA LEU B 172 -6.30 14.83 19.65
C LEU B 172 -7.38 13.83 19.99
N PHE B 173 -7.69 13.64 21.27
CA PHE B 173 -9.01 13.04 21.45
C PHE B 173 -9.94 14.04 22.09
N LYS B 174 -11.22 13.70 22.03
CA LYS B 174 -12.25 14.39 22.77
C LYS B 174 -12.46 13.62 24.07
N SER B 175 -12.39 14.34 25.18
CA SER B 175 -12.54 13.75 26.51
C SER B 175 -13.81 14.32 27.12
N THR B 176 -14.76 13.45 27.43
CA THR B 176 -16.01 13.83 28.05
C THR B 176 -16.02 13.31 29.49
N LEU B 177 -15.99 14.20 30.48
CA LEU B 177 -16.04 13.76 31.87
C LEU B 177 -17.35 14.17 32.50
N VAL B 178 -17.93 13.25 33.28
CA VAL B 178 -19.26 13.40 33.87
C VAL B 178 -19.13 13.10 35.35
N CYS B 179 -19.34 14.12 36.20
CA CYS B 179 -19.25 13.94 37.65
C CYS B 179 -20.44 13.10 38.12
N PRO B 180 -20.21 12.05 38.92
CA PRO B 180 -21.34 11.24 39.40
C PRO B 180 -22.24 11.97 40.38
N GLU B 181 -21.77 13.03 41.04
CA GLU B 181 -22.54 13.63 42.13
C GLU B 181 -23.41 14.81 41.66
N CYS B 182 -22.85 15.72 40.86
CA CYS B 182 -23.60 16.84 40.36
C CYS B 182 -23.97 16.68 38.90
N ALA B 183 -23.54 15.60 38.25
CA ALA B 183 -23.86 15.27 36.87
C ALA B 183 -23.29 16.27 35.86
N LYS B 184 -22.44 17.20 36.30
CA LYS B 184 -21.81 18.14 35.39
C LYS B 184 -21.01 17.40 34.32
N ILE B 185 -21.13 17.86 33.08
CA ILE B 185 -20.40 17.29 31.95
C ILE B 185 -19.32 18.28 31.55
N SER B 186 -18.10 17.79 31.39
CA SER B 186 -16.97 18.62 31.03
C SER B 186 -16.29 18.02 29.81
N VAL B 187 -16.19 18.79 28.73
CA VAL B 187 -15.60 18.31 27.49
C VAL B 187 -14.32 19.08 27.21
N THR B 188 -13.26 18.34 26.86
CA THR B 188 -12.01 18.96 26.44
C THR B 188 -11.46 18.21 25.25
N PHE B 189 -10.55 18.86 24.55
CA PHE B 189 -9.83 18.24 23.45
C PHE B 189 -8.36 18.25 23.82
N ASP B 190 -7.76 17.06 23.88
CA ASP B 190 -6.51 16.79 24.61
C ASP B 190 -5.53 16.05 23.71
N PRO B 191 -4.32 16.55 23.54
CA PRO B 191 -3.39 15.88 22.64
C PRO B 191 -2.84 14.59 23.26
N PHE B 192 -2.40 13.69 22.37
CA PHE B 192 -1.71 12.47 22.76
C PHE B 192 -0.61 12.23 21.75
N CYS B 193 0.40 11.43 22.13
CA CYS B 193 1.39 11.01 21.14
C CYS B 193 1.46 9.50 20.98
N TYR B 194 0.69 8.73 21.75
CA TYR B 194 0.45 7.33 21.43
C TYR B 194 -0.82 6.92 22.16
N LEU B 195 -1.32 5.72 21.82
CA LEU B 195 -2.49 5.14 22.49
C LEU B 195 -2.09 3.85 23.18
N THR B 196 -2.62 3.63 24.38
CA THR B 196 -2.51 2.36 25.07
C THR B 196 -3.89 1.72 25.06
N LEU B 197 -4.01 0.58 24.40
CA LEU B 197 -5.34 0.00 24.24
C LEU B 197 -5.54 -1.13 25.24
N PRO B 198 -6.66 -1.15 25.96
CA PRO B 198 -6.95 -2.30 26.82
C PRO B 198 -7.31 -3.52 26.00
N LEU B 199 -7.02 -4.68 26.56
CA LEU B 199 -7.47 -5.94 26.00
C LEU B 199 -8.61 -6.49 26.83
N PRO B 200 -9.47 -7.33 26.25
CA PRO B 200 -10.59 -7.88 27.01
C PRO B 200 -10.14 -8.59 28.28
N MET B 201 -10.91 -8.38 29.34
CA MET B 201 -10.69 -8.99 30.65
C MET B 201 -12.05 -9.51 31.10
N PRO B 202 -12.18 -10.80 31.42
CA PRO B 202 -11.14 -11.84 31.47
C PRO B 202 -10.57 -12.19 30.09
N LYS B 203 -9.41 -12.83 30.07
CA LYS B 203 -8.66 -13.02 28.85
C LYS B 203 -9.46 -13.81 27.82
N LYS B 204 -9.46 -13.32 26.56
CA LYS B 204 -9.98 -14.06 25.42
C LYS B 204 -8.83 -14.63 24.59
N PRO B 205 -9.02 -15.75 23.88
CA PRO B 205 -7.94 -16.23 23.01
C PRO B 205 -7.71 -15.36 21.80
N PHE B 206 -8.75 -14.68 21.31
CA PHE B 206 -8.69 -13.97 20.05
C PHE B 206 -9.50 -12.69 20.17
N VAL B 207 -8.93 -11.58 19.67
CA VAL B 207 -9.67 -10.34 19.56
C VAL B 207 -9.15 -9.59 18.34
N LYS B 208 -10.03 -8.84 17.71
CA LYS B 208 -9.60 -7.96 16.63
C LYS B 208 -9.07 -6.66 17.23
N LEU B 209 -8.10 -6.05 16.56
CA LEU B 209 -7.61 -4.76 17.02
C LEU B 209 -8.75 -3.76 17.17
N LYS B 210 -9.69 -3.77 16.23
CA LYS B 210 -10.83 -2.85 16.29
C LYS B 210 -11.63 -3.01 17.58
N ASP B 211 -11.74 -4.25 18.09
CA ASP B 211 -12.48 -4.42 19.33
C ASP B 211 -11.73 -3.78 20.50
N CYS B 212 -10.40 -3.76 20.44
CA CYS B 212 -9.62 -3.09 21.47
C CYS B 212 -9.77 -1.57 21.37
N ILE B 213 -9.86 -1.06 20.15
CA ILE B 213 -10.12 0.36 19.97
C ILE B 213 -11.49 0.71 20.52
N GLU B 214 -12.48 -0.17 20.31
CA GLU B 214 -13.80 0.04 20.86
C GLU B 214 -13.77 0.08 22.39
N LEU B 215 -13.03 -0.84 23.01
CA LEU B 215 -12.85 -0.77 24.46
C LEU B 215 -12.22 0.56 24.87
N PHE B 216 -11.24 1.05 24.09
CA PHE B 216 -10.56 2.28 24.45
C PHE B 216 -11.51 3.47 24.48
N THR B 217 -12.47 3.51 23.55
CA THR B 217 -13.43 4.60 23.46
C THR B 217 -14.72 4.31 24.22
N THR B 218 -14.75 3.27 25.05
CA THR B 218 -15.90 2.97 25.89
C THR B 218 -15.88 3.86 27.12
N LYS B 219 -17.02 4.44 27.46
CA LYS B 219 -17.11 5.24 28.67
C LYS B 219 -16.74 4.38 29.88
N GLU B 220 -15.83 4.85 30.72
CA GLU B 220 -15.40 4.07 31.86
C GLU B 220 -15.34 4.95 33.10
N LYS B 221 -15.77 4.38 34.21
CA LYS B 221 -15.72 5.09 35.48
C LYS B 221 -14.27 5.10 35.95
N LEU B 222 -13.75 6.30 36.21
CA LEU B 222 -12.42 6.41 36.78
C LEU B 222 -12.34 5.60 38.06
N GLY B 223 -11.25 4.86 38.22
CA GLY B 223 -11.05 4.13 39.45
C GLY B 223 -10.88 5.06 40.63
N ALA B 224 -11.09 4.51 41.83
CA ALA B 224 -10.86 5.30 43.03
C ALA B 224 -9.43 5.81 43.10
N GLU B 225 -8.49 5.10 42.47
CA GLU B 225 -7.09 5.53 42.41
C GLU B 225 -6.85 6.66 41.40
N ASP B 226 -7.85 6.98 40.57
CA ASP B 226 -7.70 8.04 39.56
C ASP B 226 -8.94 8.92 39.55
N PRO B 227 -9.18 9.70 40.60
CA PRO B 227 -10.30 10.64 40.59
C PRO B 227 -9.95 11.96 39.93
N TRP B 228 -10.99 12.72 39.60
CA TRP B 228 -10.90 13.94 38.82
C TRP B 228 -11.57 15.05 39.61
N TYR B 229 -10.98 16.25 39.60
CA TYR B 229 -11.50 17.33 40.41
C TYR B 229 -12.72 17.95 39.73
N CYS B 230 -13.87 17.88 40.39
CA CYS B 230 -15.07 18.54 39.89
C CYS B 230 -15.08 19.96 40.43
N PRO B 231 -14.99 20.97 39.57
CA PRO B 231 -15.02 22.36 40.07
C PRO B 231 -16.38 22.71 40.66
N ASN B 232 -17.44 22.02 40.24
CA ASN B 232 -18.76 22.24 40.82
C ASN B 232 -18.81 21.75 42.27
N CYS B 233 -18.51 20.47 42.48
CA CYS B 233 -18.53 19.90 43.83
C CYS B 233 -17.35 20.35 44.68
N LYS B 234 -16.33 20.96 44.08
CA LYS B 234 -15.08 21.33 44.78
C LYS B 234 -14.47 20.11 45.46
N GLU B 235 -14.39 19.02 44.71
CA GLU B 235 -14.04 17.73 45.30
C GLU B 235 -13.60 16.79 44.19
N HIS B 236 -12.67 15.89 44.52
CA HIS B 236 -12.27 14.89 43.55
C HIS B 236 -13.33 13.80 43.49
N GLN B 237 -13.69 13.40 42.26
CA GLN B 237 -14.81 12.52 42.04
C GLN B 237 -14.45 11.40 41.09
N GLN B 238 -15.11 10.25 41.27
CA GLN B 238 -15.00 9.14 40.33
C GLN B 238 -15.90 9.43 39.13
N ALA B 239 -15.48 10.40 38.33
CA ALA B 239 -16.20 10.67 37.11
C ALA B 239 -16.07 9.50 36.14
N THR B 240 -17.01 9.41 35.20
CA THR B 240 -16.79 8.59 34.03
C THR B 240 -16.06 9.40 32.98
N LYS B 241 -15.21 8.73 32.23
CA LYS B 241 -14.45 9.38 31.16
C LYS B 241 -14.72 8.61 29.88
N LYS B 242 -15.09 9.35 28.84
CA LYS B 242 -15.29 8.79 27.51
C LYS B 242 -14.36 9.51 26.54
N LEU B 243 -13.50 8.75 25.87
CA LEU B 243 -12.59 9.29 24.87
C LEU B 243 -13.11 8.97 23.48
N ASP B 244 -13.09 9.95 22.59
CA ASP B 244 -13.33 9.76 21.18
C ASP B 244 -12.08 10.21 20.44
N LEU B 245 -11.61 9.39 19.50
CA LEU B 245 -10.44 9.75 18.72
C LEU B 245 -10.82 10.86 17.76
N TRP B 246 -10.39 12.09 18.04
CA TRP B 246 -10.85 13.21 17.23
C TRP B 246 -9.95 13.45 16.02
N SER B 247 -8.66 13.58 16.26
CA SER B 247 -7.69 13.85 15.21
C SER B 247 -6.60 12.79 15.28
N LEU B 248 -6.39 12.08 14.18
CA LEU B 248 -5.39 11.03 14.22
C LEU B 248 -4.12 11.47 13.51
N PRO B 249 -2.96 11.13 14.06
CA PRO B 249 -1.69 11.68 13.53
C PRO B 249 -1.22 10.92 12.30
N PRO B 250 -0.29 11.50 11.53
CA PRO B 250 0.29 10.75 10.40
C PRO B 250 0.85 9.39 10.79
N VAL B 251 1.49 9.28 11.96
CA VAL B 251 1.97 8.00 12.46
C VAL B 251 1.34 7.77 13.82
N LEU B 252 0.61 6.67 13.94
CA LEU B 252 -0.13 6.34 15.16
C LEU B 252 0.57 5.19 15.84
N VAL B 253 0.98 5.40 17.09
CA VAL B 253 1.70 4.40 17.86
C VAL B 253 0.67 3.77 18.80
N VAL B 254 0.53 2.44 18.72
CA VAL B 254 -0.53 1.71 19.40
C VAL B 254 0.10 0.69 20.34
N HIS B 255 0.01 0.94 21.65
CA HIS B 255 0.55 0.06 22.68
C HIS B 255 -0.56 -0.86 23.19
N LEU B 256 -0.32 -2.17 23.12
CA LEU B 256 -1.30 -3.14 23.58
C LEU B 256 -1.01 -3.46 25.04
N LYS B 257 -1.99 -3.24 25.91
CA LYS B 257 -1.79 -3.29 27.36
C LYS B 257 -1.83 -4.75 27.80
N ARG B 258 -0.73 -5.46 27.58
CA ARG B 258 -0.72 -6.89 27.88
C ARG B 258 -0.44 -7.18 29.35
N PHE B 259 0.25 -6.26 30.02
CA PHE B 259 0.58 -6.44 31.43
C PHE B 259 -0.50 -5.80 32.30
N SER B 260 -1.70 -6.34 32.20
CA SER B 260 -2.86 -5.81 32.91
C SER B 260 -3.34 -6.74 34.01
N TYR B 261 -2.53 -7.72 34.39
CA TYR B 261 -2.82 -8.54 35.56
C TYR B 261 -2.25 -7.86 36.81
N SER B 262 -2.84 -8.16 37.96
CA SER B 262 -2.19 -7.73 39.19
C SER B 262 -0.82 -8.41 39.31
N ARG B 263 0.11 -7.71 39.94
CA ARG B 263 1.52 -8.12 39.90
C ARG B 263 1.74 -9.53 40.44
N TYR B 264 0.94 -9.96 41.43
CA TYR B 264 1.23 -11.25 42.04
C TYR B 264 0.99 -12.41 41.07
N MET B 265 0.25 -12.18 39.98
CA MET B 265 0.02 -13.23 39.00
C MET B 265 1.23 -13.49 38.12
N ARG B 266 2.15 -12.53 38.02
CA ARG B 266 3.39 -12.70 37.26
C ARG B 266 3.11 -13.22 35.86
N ASP B 267 2.06 -12.68 35.24
CA ASP B 267 1.52 -13.17 33.98
C ASP B 267 1.33 -11.99 33.04
N LYS B 268 0.98 -12.30 31.79
CA LYS B 268 0.63 -11.28 30.81
C LYS B 268 -0.50 -11.80 29.93
N LEU B 269 -1.32 -10.87 29.44
CA LEU B 269 -2.37 -11.24 28.50
C LEU B 269 -1.72 -11.66 27.18
N ASP B 270 -1.72 -12.95 26.89
CA ASP B 270 -1.15 -13.50 25.66
C ASP B 270 -2.23 -13.75 24.61
N THR B 271 -3.31 -12.97 24.67
CA THR B 271 -4.36 -12.96 23.65
C THR B 271 -3.79 -12.80 22.25
N LEU B 272 -4.36 -13.53 21.28
CA LEU B 272 -4.04 -13.27 19.88
C LEU B 272 -4.82 -12.02 19.48
N VAL B 273 -4.13 -10.89 19.40
CA VAL B 273 -4.76 -9.68 18.87
C VAL B 273 -4.46 -9.63 17.39
N ASP B 274 -5.51 -9.73 16.58
CA ASP B 274 -5.40 -9.74 15.12
C ASP B 274 -5.42 -8.29 14.65
N PHE B 275 -4.27 -7.80 14.20
CA PHE B 275 -4.19 -6.43 13.77
C PHE B 275 -3.88 -6.39 12.28
N PRO B 276 -4.45 -5.43 11.55
CA PRO B 276 -4.21 -5.38 10.11
C PRO B 276 -2.75 -5.04 9.79
N ILE B 277 -2.21 -5.75 8.81
CA ILE B 277 -0.98 -5.31 8.18
C ILE B 277 -1.27 -4.11 7.28
N ASN B 278 -2.37 -4.18 6.53
CA ASN B 278 -2.75 -3.15 5.56
C ASN B 278 -4.16 -2.67 5.84
N ASP B 279 -4.38 -1.37 5.69
CA ASP B 279 -5.73 -0.78 5.71
C ASP B 279 -6.48 -1.04 7.02
N LEU B 280 -5.87 -0.58 8.10
CA LEU B 280 -6.62 -0.33 9.33
C LEU B 280 -7.42 0.96 9.14
N ASP B 281 -8.75 0.86 9.14
CA ASP B 281 -9.61 2.03 8.94
C ASP B 281 -10.06 2.55 10.30
N MET B 282 -9.88 3.85 10.54
CA MET B 282 -10.13 4.45 11.84
C MET B 282 -10.55 5.89 11.65
N SER B 283 -11.78 6.22 12.06
CA SER B 283 -12.24 7.61 12.13
C SER B 283 -12.00 8.33 10.81
N GLY B 284 -12.49 7.74 9.72
CA GLY B 284 -12.28 8.31 8.41
C GLY B 284 -10.89 8.19 7.83
N CYS B 285 -9.95 7.56 8.53
CA CYS B 285 -8.57 7.46 8.07
C CYS B 285 -8.21 6.00 7.77
N ARG B 286 -7.23 5.82 6.89
CA ARG B 286 -6.74 4.49 6.55
C ARG B 286 -5.25 4.39 6.87
N TYR B 287 -4.87 3.38 7.65
CA TYR B 287 -3.50 3.21 8.12
C TYR B 287 -2.89 1.91 7.61
N ASN B 288 -1.56 1.92 7.48
CA ASN B 288 -0.80 0.73 7.13
C ASN B 288 0.28 0.46 8.18
N LEU B 289 0.42 -0.80 8.57
CA LEU B 289 1.46 -1.18 9.54
C LEU B 289 2.85 -0.95 8.95
N ILE B 290 3.72 -0.29 9.72
CA ILE B 290 5.12 -0.10 9.32
C ILE B 290 6.11 -0.72 10.31
N ALA B 291 5.74 -0.97 11.57
CA ALA B 291 6.66 -1.57 12.53
C ALA B 291 5.86 -2.25 13.63
N VAL B 292 6.45 -3.30 14.22
CA VAL B 292 5.87 -3.98 15.37
C VAL B 292 6.99 -4.23 16.38
N SER B 293 6.77 -3.86 17.63
CA SER B 293 7.65 -4.29 18.72
C SER B 293 7.06 -5.56 19.29
N ASN B 294 7.85 -6.62 19.33
CA ASN B 294 7.43 -7.89 19.94
C ASN B 294 8.03 -8.04 21.32
N HIS B 295 7.25 -8.61 22.24
CA HIS B 295 7.77 -8.99 23.54
C HIS B 295 7.53 -10.47 23.75
N TYR B 296 8.59 -11.20 24.09
CA TYR B 296 8.53 -12.63 24.40
C TYR B 296 8.63 -12.81 25.91
N GLY B 297 7.72 -13.61 26.47
CA GLY B 297 7.65 -13.74 27.91
C GLY B 297 8.81 -14.53 28.48
N GLY B 298 9.04 -14.36 29.78
CA GLY B 298 10.10 -15.09 30.45
C GLY B 298 10.52 -14.50 31.79
N GLY B 302 11.44 -10.26 29.78
CA GLY B 302 11.69 -11.24 28.73
C GLY B 302 12.66 -10.71 27.68
N HIS B 303 12.27 -10.78 26.42
CA HIS B 303 13.11 -10.34 25.31
C HIS B 303 12.23 -9.60 24.30
N TYR B 304 12.75 -8.48 23.78
CA TYR B 304 12.07 -7.70 22.77
C TYR B 304 12.76 -7.84 21.42
N THR B 305 11.96 -7.88 20.36
CA THR B 305 12.45 -7.84 18.98
C THR B 305 11.55 -6.89 18.20
N ALA B 306 11.75 -6.80 16.89
CA ALA B 306 10.89 -5.94 16.08
C ALA B 306 10.77 -6.49 14.66
N PHE B 307 9.58 -6.31 14.09
CA PHE B 307 9.38 -6.37 12.64
C PHE B 307 9.31 -4.93 12.15
N ALA B 308 9.82 -4.66 10.94
CA ALA B 308 9.63 -3.35 10.35
C ALA B 308 9.63 -3.45 8.84
N LYS B 309 8.84 -2.59 8.20
CA LYS B 309 8.80 -2.48 6.77
C LYS B 309 9.83 -1.45 6.31
N ASN B 310 10.69 -1.83 5.40
CA ASN B 310 11.71 -0.91 4.94
C ASN B 310 11.11 0.14 4.02
N LYS B 311 11.40 1.41 4.29
CA LYS B 311 10.72 2.49 3.56
C LYS B 311 11.03 2.49 2.08
N ASP B 312 12.17 1.92 1.67
CA ASP B 312 12.59 1.97 0.28
C ASP B 312 12.01 0.80 -0.54
N ASP B 313 12.19 -0.44 -0.07
CA ASP B 313 11.72 -1.56 -0.88
C ASP B 313 10.32 -2.04 -0.52
N GLY B 314 9.74 -1.53 0.58
CA GLY B 314 8.42 -1.96 0.97
C GLY B 314 8.34 -3.38 1.49
N LYS B 315 9.47 -4.05 1.71
CA LYS B 315 9.49 -5.41 2.23
C LYS B 315 9.65 -5.43 3.74
N TRP B 316 9.20 -6.53 4.36
CA TRP B 316 9.28 -6.70 5.81
C TRP B 316 10.57 -7.40 6.21
N TYR B 317 11.08 -7.02 7.39
CA TYR B 317 12.32 -7.52 7.95
C TYR B 317 12.15 -7.72 9.46
N TYR B 318 12.95 -8.63 10.01
CA TYR B 318 12.90 -8.99 11.42
C TYR B 318 14.21 -8.59 12.08
N PHE B 319 14.12 -7.83 13.18
CA PHE B 319 15.28 -7.27 13.87
C PHE B 319 15.36 -7.89 15.27
N ASP B 320 16.34 -8.76 15.48
CA ASP B 320 16.57 -9.34 16.80
C ASP B 320 17.95 -8.88 17.24
N ASP B 321 17.98 -7.74 17.94
CA ASP B 321 19.22 -7.10 18.33
C ASP B 321 20.12 -6.97 17.11
N SER B 322 21.27 -7.64 17.08
CA SER B 322 22.19 -7.37 15.99
C SER B 322 21.79 -8.08 14.70
N SER B 323 20.90 -9.07 14.76
CA SER B 323 20.55 -9.86 13.59
C SER B 323 19.38 -9.24 12.84
N VAL B 324 19.56 -9.07 11.53
CA VAL B 324 18.50 -8.62 10.62
C VAL B 324 18.24 -9.73 9.63
N SER B 325 16.96 -10.05 9.40
CA SER B 325 16.63 -11.08 8.43
C SER B 325 15.32 -10.73 7.72
N THR B 326 15.11 -11.38 6.59
CA THR B 326 13.88 -11.19 5.84
C THR B 326 12.71 -11.75 6.61
N ALA B 327 11.54 -11.14 6.42
CA ALA B 327 10.34 -11.58 7.08
C ALA B 327 9.20 -11.59 6.06
N SER B 328 8.17 -12.35 6.37
CA SER B 328 6.94 -12.37 5.58
C SER B 328 5.84 -11.77 6.43
N GLU B 329 4.91 -11.07 5.80
CA GLU B 329 3.82 -10.52 6.60
C GLU B 329 2.94 -11.61 7.20
N ASP B 330 2.98 -12.83 6.65
CA ASP B 330 2.31 -13.98 7.26
C ASP B 330 2.81 -14.28 8.67
N GLN B 331 4.02 -13.81 9.03
CA GLN B 331 4.59 -14.08 10.35
C GLN B 331 4.24 -13.04 11.38
N ILE B 332 3.74 -11.88 10.96
CA ILE B 332 3.81 -10.70 11.81
C ILE B 332 2.79 -10.77 12.93
N VAL B 333 1.56 -11.19 12.64
CA VAL B 333 0.54 -11.24 13.66
C VAL B 333 0.83 -12.46 14.55
N SER B 334 1.22 -12.21 15.80
CA SER B 334 1.41 -13.26 16.78
C SER B 334 1.07 -12.68 18.14
N LYS B 335 1.04 -13.57 19.13
CA LYS B 335 0.76 -13.17 20.50
C LYS B 335 1.85 -12.27 21.06
N ALA B 336 3.04 -12.28 20.47
CA ALA B 336 4.14 -11.46 20.99
C ALA B 336 3.97 -9.97 20.67
N ALA B 337 3.10 -9.63 19.72
CA ALA B 337 2.95 -8.23 19.33
C ALA B 337 2.58 -7.35 20.51
N TYR B 338 3.33 -6.26 20.67
CA TYR B 338 3.24 -5.46 21.88
C TYR B 338 2.96 -3.99 21.56
N VAL B 339 3.77 -3.39 20.69
CA VAL B 339 3.52 -2.03 20.21
C VAL B 339 3.44 -2.06 18.70
N LEU B 340 2.44 -1.35 18.14
CA LEU B 340 2.22 -1.30 16.69
C LEU B 340 2.41 0.12 16.19
N PHE B 341 3.16 0.29 15.08
CA PHE B 341 3.37 1.58 14.43
C PHE B 341 2.58 1.56 13.12
N TYR B 342 1.62 2.47 12.98
CA TYR B 342 0.80 2.58 11.78
C TYR B 342 1.03 3.93 11.13
N GLN B 343 1.19 3.96 9.81
CA GLN B 343 1.33 5.20 9.06
C GLN B 343 0.11 5.45 8.18
N ARG B 344 -0.43 6.66 8.26
CA ARG B 344 -1.58 7.05 7.46
C ARG B 344 -1.28 6.94 5.98
N GLN B 345 -2.19 6.31 5.25
CA GLN B 345 -2.10 6.22 3.80
C GLN B 345 -2.53 7.55 3.20
N ASP B 346 -1.77 8.05 2.22
CA ASP B 346 -1.97 9.44 1.83
C ASP B 346 -3.30 9.65 1.10
N SER B 347 -3.77 8.68 0.32
CA SER B 347 -5.08 8.77 -0.31
C SER B 347 -5.69 7.37 -0.38
N SER B 348 -6.97 7.30 -0.70
CA SER B 348 -7.67 6.02 -0.76
C SER B 348 -8.83 6.11 -1.75
N GLY B 349 -8.85 5.20 -2.72
CA GLY B 349 -9.96 5.06 -3.66
C GLY B 349 -10.12 6.20 -4.66
N ALA C 3 -3.26 36.36 40.29
CA ALA C 3 -2.56 35.26 39.64
C ALA C 3 -2.59 33.98 40.47
N ALA C 4 -2.93 34.10 41.75
CA ALA C 4 -2.93 32.95 42.63
C ALA C 4 -3.93 31.91 42.16
N MET C 5 -3.62 30.63 42.45
CA MET C 5 -4.50 29.55 42.06
C MET C 5 -4.26 28.36 42.98
N GLN C 6 -5.22 27.45 42.99
CA GLN C 6 -5.12 26.21 43.72
C GLN C 6 -4.72 25.08 42.76
N ILE C 7 -3.76 24.25 43.21
CA ILE C 7 -3.45 22.99 42.56
C ILE C 7 -3.50 21.90 43.64
N PHE C 8 -3.49 20.65 43.19
CA PHE C 8 -3.54 19.54 44.11
C PHE C 8 -2.33 18.66 43.93
N VAL C 9 -1.97 17.98 45.02
CA VAL C 9 -0.90 17.00 45.02
C VAL C 9 -1.46 15.72 45.62
N LYS C 10 -1.30 14.60 44.92
CA LYS C 10 -1.72 13.30 45.41
C LYS C 10 -0.50 12.59 45.99
N THR C 11 -0.54 12.30 47.28
CA THR C 11 0.55 11.64 47.97
C THR C 11 0.51 10.15 47.67
N PRO C 12 1.58 9.42 48.02
CA PRO C 12 1.54 7.95 47.89
C PRO C 12 0.48 7.27 48.74
N THR C 13 -0.04 7.95 49.77
CA THR C 13 -1.20 7.44 50.51
C THR C 13 -2.47 7.48 49.67
N GLY C 14 -2.53 8.34 48.67
CA GLY C 14 -3.77 8.61 47.95
C GLY C 14 -4.51 9.82 48.45
N LYS C 15 -4.02 10.47 49.51
CA LYS C 15 -4.61 11.71 49.99
C LYS C 15 -4.29 12.86 49.03
N PHE C 16 -5.26 13.75 48.87
CA PHE C 16 -5.08 14.94 48.04
C PHE C 16 -4.81 16.14 48.94
N ILE C 17 -3.69 16.81 48.70
CA ILE C 17 -3.36 18.07 49.34
C ILE C 17 -3.70 19.21 48.40
N SER C 18 -4.21 20.29 48.96
CA SER C 18 -4.43 21.53 48.23
C SER C 18 -3.26 22.48 48.49
N LEU C 19 -2.82 23.17 47.44
CA LEU C 19 -1.73 24.13 47.55
C LEU C 19 -2.17 25.42 46.90
N GLU C 20 -1.74 26.54 47.49
CA GLU C 20 -1.97 27.84 46.92
C GLU C 20 -0.68 28.29 46.24
N VAL C 21 -0.74 28.54 44.93
CA VAL C 21 0.45 28.80 44.13
C VAL C 21 0.13 29.87 43.09
N GLU C 22 1.18 30.30 42.42
CA GLU C 22 1.12 31.11 41.21
C GLU C 22 1.92 30.41 40.13
N PRO C 23 1.60 30.65 38.85
CA PRO C 23 2.38 30.02 37.78
C PRO C 23 3.86 30.30 37.85
N SER C 24 4.26 31.45 38.38
CA SER C 24 5.66 31.79 38.46
C SER C 24 6.39 31.09 39.61
N ASP C 25 5.69 30.35 40.46
CA ASP C 25 6.35 29.62 41.53
C ASP C 25 7.30 28.57 40.98
N THR C 26 8.49 28.48 41.56
CA THR C 26 9.45 27.45 41.18
C THR C 26 9.02 26.09 41.73
N ILE C 27 9.61 25.03 41.15
CA ILE C 27 9.36 23.68 41.61
C ILE C 27 9.84 23.48 43.05
N GLU C 28 10.94 24.12 43.42
CA GLU C 28 11.43 23.94 44.79
C GLU C 28 10.56 24.70 45.78
N ASN C 29 9.96 25.81 45.38
CA ASN C 29 8.95 26.45 46.23
C ASN C 29 7.72 25.57 46.37
N VAL C 30 7.31 24.90 45.29
CA VAL C 30 6.19 23.96 45.41
C VAL C 30 6.56 22.84 46.37
N LYS C 31 7.78 22.31 46.27
CA LYS C 31 8.20 21.26 47.20
C LYS C 31 8.26 21.78 48.63
N ALA C 32 8.63 23.05 48.81
CA ALA C 32 8.62 23.63 50.15
C ALA C 32 7.21 23.67 50.71
N LYS C 33 6.23 24.04 49.86
CA LYS C 33 4.83 24.11 50.31
C LYS C 33 4.30 22.72 50.63
N ILE C 34 4.72 21.71 49.87
CA ILE C 34 4.39 20.32 50.21
C ILE C 34 4.98 19.96 51.58
N GLN C 35 6.26 20.32 51.80
CA GLN C 35 6.87 20.04 53.10
C GLN C 35 6.07 20.69 54.23
N ASP C 36 5.62 21.94 54.03
CA ASP C 36 4.85 22.66 55.03
C ASP C 36 3.67 21.85 55.55
N LYS C 37 3.03 21.08 54.67
CA LYS C 37 1.81 20.37 55.04
C LYS C 37 2.04 18.89 55.32
N GLU C 38 3.01 18.24 54.67
CA GLU C 38 3.20 16.80 54.83
C GLU C 38 4.51 16.43 55.53
N GLY C 39 5.39 17.38 55.79
CA GLY C 39 6.61 17.05 56.49
C GLY C 39 7.61 16.24 55.69
N ILE C 40 7.39 16.06 54.40
CA ILE C 40 8.33 15.35 53.53
C ILE C 40 9.37 16.34 53.04
N PRO C 41 10.65 16.13 53.31
CA PRO C 41 11.67 17.08 52.85
C PRO C 41 11.71 17.13 51.34
N PRO C 42 11.96 18.31 50.76
CA PRO C 42 12.01 18.44 49.30
C PRO C 42 12.93 17.45 48.61
N ASP C 43 14.14 17.22 49.12
CA ASP C 43 15.09 16.31 48.48
C ASP C 43 14.59 14.87 48.41
N GLN C 44 13.49 14.54 49.08
CA GLN C 44 12.91 13.21 48.95
C GLN C 44 11.66 13.20 48.06
N GLN C 45 11.27 14.35 47.52
CA GLN C 45 10.04 14.46 46.74
C GLN C 45 10.34 14.27 45.25
N ARG C 46 9.48 13.51 44.59
CA ARG C 46 9.47 13.44 43.13
C ARG C 46 8.07 13.78 42.66
N LEU C 47 7.95 14.85 41.87
CA LEU C 47 6.67 15.35 41.38
C LEU C 47 6.51 15.01 39.90
N ILE C 48 5.35 14.46 39.54
CA ILE C 48 5.04 14.06 38.17
C ILE C 48 3.78 14.81 37.76
N PHE C 49 3.80 15.42 36.57
CA PHE C 49 2.62 16.04 35.99
C PHE C 49 2.14 15.13 34.87
N ARG C 50 1.08 14.36 35.14
CA ARG C 50 0.58 13.40 34.17
C ARG C 50 -0.39 14.11 33.22
N GLN C 51 0.03 14.27 31.98
CA GLN C 51 -0.78 14.84 30.92
C GLN C 51 -1.16 13.75 29.91
N THR C 52 -2.09 14.07 29.02
CA THR C 52 -2.54 13.11 28.02
C THR C 52 -1.48 12.84 26.95
N TRP C 53 -0.44 13.68 26.85
CA TRP C 53 0.58 13.54 25.82
C TRP C 53 2.00 13.49 26.41
N ALA C 54 2.13 13.45 27.73
CA ALA C 54 3.44 13.43 28.39
C ALA C 54 3.24 13.22 29.89
N SER C 55 4.24 12.62 30.53
CA SER C 55 4.28 12.49 31.99
C SER C 55 5.62 13.09 32.40
N LYS C 56 5.66 14.39 32.64
CA LYS C 56 6.92 15.05 32.90
C LYS C 56 7.23 15.06 34.38
N GLN C 57 8.51 14.87 34.70
CA GLN C 57 8.98 15.02 36.06
C GLN C 57 9.40 16.47 36.26
N LEU C 58 8.89 17.11 37.30
CA LEU C 58 9.17 18.52 37.54
C LEU C 58 10.58 18.66 38.12
N GLU C 59 11.41 19.51 37.50
CA GLU C 59 12.80 19.64 37.89
C GLU C 59 13.04 20.99 38.56
N ASP C 60 14.00 21.01 39.48
CA ASP C 60 14.39 22.24 40.15
C ASP C 60 14.85 23.28 39.16
N GLY C 61 14.61 24.55 39.48
CA GLY C 61 14.93 25.65 38.60
C GLY C 61 13.87 25.99 37.59
N ARG C 62 12.84 25.14 37.42
CA ARG C 62 11.72 25.42 36.53
C ARG C 62 10.58 26.05 37.33
N THR C 63 9.64 26.65 36.62
CA THR C 63 8.43 27.16 37.25
C THR C 63 7.25 26.26 36.91
N LEU C 64 6.13 26.47 37.61
CA LEU C 64 4.91 25.76 37.23
C LEU C 64 4.50 26.10 35.81
N SER C 65 4.71 27.35 35.38
CA SER C 65 4.30 27.73 34.03
C SER C 65 5.18 27.09 32.95
N ASP C 66 6.40 26.68 33.28
CA ASP C 66 7.21 26.00 32.28
C ASP C 66 6.55 24.70 31.83
N TYR C 67 5.80 24.06 32.71
CA TYR C 67 5.05 22.85 32.45
C TYR C 67 3.60 23.11 32.07
N ASN C 68 3.19 24.37 31.97
CA ASN C 68 1.79 24.75 31.70
C ASN C 68 0.85 24.12 32.71
N ILE C 69 1.29 24.03 33.96
CA ILE C 69 0.41 23.49 34.99
C ILE C 69 -0.74 24.46 35.23
N GLN C 70 -1.96 23.92 35.33
CA GLN C 70 -3.19 24.70 35.27
C GLN C 70 -3.79 24.86 36.66
N LYS C 71 -4.66 25.87 36.79
CA LYS C 71 -5.52 25.94 37.95
C LYS C 71 -6.23 24.61 38.12
N GLU C 72 -6.22 24.08 39.34
CA GLU C 72 -6.86 22.83 39.70
C GLU C 72 -6.21 21.61 39.05
N SER C 73 -5.02 21.76 38.46
CA SER C 73 -4.24 20.59 38.07
C SER C 73 -3.86 19.77 39.29
N THR C 74 -3.61 18.48 39.06
CA THR C 74 -3.15 17.55 40.09
C THR C 74 -1.76 17.06 39.74
N LEU C 75 -0.84 17.18 40.69
CA LEU C 75 0.50 16.63 40.55
C LEU C 75 0.59 15.33 41.34
N HIS C 76 1.44 14.42 40.90
CA HIS C 76 1.63 13.15 41.59
C HIS C 76 2.93 13.18 42.37
N LEU C 77 2.85 12.89 43.67
CA LEU C 77 4.01 12.88 44.53
C LEU C 77 4.45 11.43 44.68
N VAL C 78 5.71 11.18 44.35
CA VAL C 78 6.37 9.89 44.54
C VAL C 78 7.59 10.13 45.41
N LEU C 79 7.86 9.18 46.31
CA LEU C 79 8.98 9.32 47.23
C LEU C 79 10.24 8.73 46.63
N ARG C 80 11.38 9.35 46.93
CA ARG C 80 12.67 8.81 46.56
C ARG C 80 12.96 7.52 47.31
N LEU C 81 13.65 6.60 46.64
CA LEU C 81 14.01 5.32 47.25
C LEU C 81 15.50 5.25 47.56
N ALA D 3 -14.92 -37.07 -35.62
CA ALA D 3 -13.97 -35.97 -35.50
C ALA D 3 -14.39 -34.74 -36.31
N ALA D 4 -15.08 -34.98 -37.41
CA ALA D 4 -15.47 -33.89 -38.31
C ALA D 4 -16.34 -32.88 -37.58
N MET D 5 -16.12 -31.61 -37.88
CA MET D 5 -16.87 -30.54 -37.23
C MET D 5 -17.00 -29.36 -38.19
N GLN D 6 -17.93 -28.49 -37.85
CA GLN D 6 -18.19 -27.29 -38.62
C GLN D 6 -17.54 -26.10 -37.91
N ILE D 7 -16.82 -25.27 -38.66
CA ILE D 7 -16.39 -23.98 -38.17
C ILE D 7 -16.84 -22.94 -39.17
N PHE D 8 -16.73 -21.67 -38.78
CA PHE D 8 -17.16 -20.56 -39.61
C PHE D 8 -16.01 -19.60 -39.85
N VAL D 9 -16.01 -18.97 -41.01
CA VAL D 9 -15.09 -17.89 -41.33
C VAL D 9 -15.92 -16.67 -41.68
N LYS D 10 -15.63 -15.55 -41.04
CA LYS D 10 -16.27 -14.28 -41.35
C LYS D 10 -15.40 -13.52 -42.34
N THR D 11 -15.91 -13.30 -43.54
CA THR D 11 -15.18 -12.59 -44.57
C THR D 11 -15.19 -11.09 -44.30
N PRO D 12 -14.31 -10.33 -44.96
CA PRO D 12 -14.35 -8.86 -44.78
C PRO D 12 -15.70 -8.24 -45.10
N THR D 13 -16.48 -8.83 -46.00
CA THR D 13 -17.84 -8.37 -46.28
C THR D 13 -18.75 -8.50 -45.06
N GLY D 14 -18.44 -9.41 -44.15
CA GLY D 14 -19.36 -9.80 -43.09
C GLY D 14 -20.08 -11.11 -43.37
N LYS D 15 -19.83 -11.72 -44.51
CA LYS D 15 -20.45 -12.99 -44.85
C LYS D 15 -19.82 -14.11 -44.03
N PHE D 16 -20.64 -15.05 -43.58
CA PHE D 16 -20.17 -16.21 -42.84
C PHE D 16 -20.07 -17.40 -43.79
N ILE D 17 -18.86 -17.89 -44.00
CA ILE D 17 -18.60 -19.13 -44.72
C ILE D 17 -18.70 -20.28 -43.72
N SER D 18 -19.26 -21.39 -44.16
CA SER D 18 -19.24 -22.61 -43.36
C SER D 18 -18.21 -23.57 -43.93
N LEU D 19 -17.34 -24.09 -43.06
CA LEU D 19 -16.30 -25.03 -43.45
C LEU D 19 -16.50 -26.34 -42.71
N GLU D 20 -16.25 -27.45 -43.38
CA GLU D 20 -16.19 -28.76 -42.73
C GLU D 20 -14.73 -29.14 -42.55
N VAL D 21 -14.34 -29.39 -41.30
CA VAL D 21 -12.95 -29.57 -40.94
C VAL D 21 -12.84 -30.63 -39.86
N GLU D 22 -11.61 -30.97 -39.54
CA GLU D 22 -11.22 -31.78 -38.40
C GLU D 22 -10.17 -31.02 -37.62
N PRO D 23 -10.06 -31.26 -36.32
CA PRO D 23 -9.02 -30.58 -35.52
C PRO D 23 -7.60 -30.77 -36.08
N SER D 24 -7.34 -31.88 -36.77
CA SER D 24 -6.01 -32.14 -37.32
C SER D 24 -5.73 -31.42 -38.63
N ASP D 25 -6.72 -30.75 -39.23
CA ASP D 25 -6.47 -30.04 -40.47
C ASP D 25 -5.44 -28.93 -40.28
N THR D 26 -4.55 -28.76 -41.25
CA THR D 26 -3.58 -27.69 -41.21
C THR D 26 -4.23 -26.36 -41.59
N ILE D 27 -3.58 -25.27 -41.18
CA ILE D 27 -4.01 -23.93 -41.58
C ILE D 27 -3.96 -23.79 -43.10
N GLU D 28 -2.93 -24.32 -43.75
CA GLU D 28 -2.87 -24.27 -45.22
C GLU D 28 -4.09 -24.94 -45.83
N ASN D 29 -4.48 -26.09 -45.29
CA ASN D 29 -5.67 -26.78 -45.78
C ASN D 29 -6.94 -25.97 -45.54
N VAL D 30 -7.02 -25.26 -44.40
CA VAL D 30 -8.16 -24.39 -44.16
C VAL D 30 -8.19 -23.25 -45.18
N LYS D 31 -7.03 -22.67 -45.46
CA LYS D 31 -6.96 -21.61 -46.46
C LYS D 31 -7.37 -22.14 -47.83
N ALA D 32 -6.99 -23.38 -48.14
CA ALA D 32 -7.42 -24.00 -49.40
C ALA D 32 -8.93 -24.14 -49.45
N LYS D 33 -9.55 -24.58 -48.35
CA LYS D 33 -11.00 -24.72 -48.32
C LYS D 33 -11.67 -23.38 -48.46
N ILE D 34 -11.08 -22.32 -47.90
CA ILE D 34 -11.60 -20.98 -48.10
C ILE D 34 -11.46 -20.55 -49.57
N GLN D 35 -10.34 -20.89 -50.20
CA GLN D 35 -10.16 -20.61 -51.62
C GLN D 35 -11.21 -21.32 -52.46
N ASP D 36 -11.44 -22.61 -52.18
CA ASP D 36 -12.47 -23.38 -52.89
C ASP D 36 -13.80 -22.63 -52.94
N LYS D 37 -14.14 -21.94 -51.85
CA LYS D 37 -15.47 -21.35 -51.73
C LYS D 37 -15.50 -19.87 -52.08
N GLU D 38 -14.47 -19.11 -51.72
CA GLU D 38 -14.48 -17.67 -51.93
C GLU D 38 -13.58 -17.23 -53.07
N GLY D 39 -12.72 -18.11 -53.57
CA GLY D 39 -11.83 -17.72 -54.63
C GLY D 39 -10.69 -16.81 -54.21
N ILE D 40 -10.50 -16.61 -52.91
CA ILE D 40 -9.37 -15.82 -52.42
C ILE D 40 -8.13 -16.72 -52.36
N PRO D 41 -7.03 -16.32 -52.98
CA PRO D 41 -5.81 -17.13 -52.92
C PRO D 41 -5.27 -17.19 -51.51
N PRO D 42 -4.74 -18.35 -51.10
CA PRO D 42 -4.25 -18.47 -49.71
C PRO D 42 -3.15 -17.47 -49.34
N ASP D 43 -2.30 -17.08 -50.29
CA ASP D 43 -1.25 -16.11 -49.98
C ASP D 43 -1.80 -14.74 -49.60
N GLN D 44 -3.07 -14.48 -49.90
CA GLN D 44 -3.72 -13.23 -49.55
C GLN D 44 -4.58 -13.33 -48.30
N GLN D 45 -4.67 -14.50 -47.69
CA GLN D 45 -5.55 -14.74 -46.56
C GLN D 45 -4.84 -14.48 -45.24
N ARG D 46 -5.48 -13.73 -44.36
CA ARG D 46 -5.06 -13.56 -42.98
C ARG D 46 -6.20 -14.04 -42.09
N LEU D 47 -5.95 -15.09 -41.31
CA LEU D 47 -6.95 -15.70 -40.44
C LEU D 47 -6.65 -15.38 -38.99
N ILE D 48 -7.63 -14.82 -38.29
CA ILE D 48 -7.51 -14.42 -36.89
C ILE D 48 -8.50 -15.23 -36.06
N PHE D 49 -8.03 -15.83 -34.97
CA PHE D 49 -8.91 -16.49 -34.00
C PHE D 49 -9.02 -15.59 -32.77
N ARG D 50 -10.16 -14.93 -32.61
CA ARG D 50 -10.36 -13.98 -31.53
C ARG D 50 -10.89 -14.72 -30.29
N GLN D 51 -10.06 -14.80 -29.26
CA GLN D 51 -10.45 -15.38 -27.98
C GLN D 51 -10.52 -14.29 -26.92
N THR D 52 -11.13 -14.61 -25.80
CA THR D 52 -11.22 -13.63 -24.72
C THR D 52 -9.85 -13.27 -24.14
N TRP D 53 -8.82 -14.08 -24.35
CA TRP D 53 -7.51 -13.82 -23.76
C TRP D 53 -6.39 -13.68 -24.78
N ALA D 54 -6.69 -13.68 -26.08
CA ALA D 54 -5.68 -13.69 -27.13
C ALA D 54 -6.36 -13.46 -28.47
N SER D 55 -5.64 -12.81 -29.38
CA SER D 55 -6.07 -12.71 -30.77
C SER D 55 -4.93 -13.31 -31.60
N LYS D 56 -5.04 -14.58 -31.93
CA LYS D 56 -3.93 -15.28 -32.54
C LYS D 56 -4.08 -15.31 -34.05
N GLN D 57 -2.98 -15.03 -34.74
CA GLN D 57 -2.97 -15.17 -36.19
C GLN D 57 -2.56 -16.61 -36.52
N LEU D 58 -3.40 -17.28 -37.32
CA LEU D 58 -3.14 -18.67 -37.65
C LEU D 58 -2.06 -18.74 -38.73
N GLU D 59 -1.06 -19.59 -38.52
CA GLU D 59 0.09 -19.67 -39.40
C GLU D 59 0.18 -21.04 -40.04
N ASP D 60 0.73 -21.08 -41.26
CA ASP D 60 0.99 -22.34 -41.93
C ASP D 60 1.87 -23.24 -41.08
N GLY D 61 1.65 -24.54 -41.21
CA GLY D 61 2.44 -25.51 -40.50
C GLY D 61 1.87 -25.93 -39.16
N ARG D 62 0.82 -25.25 -38.70
CA ARG D 62 0.10 -25.64 -37.50
C ARG D 62 -1.24 -26.24 -37.91
N THR D 63 -1.92 -26.83 -36.92
CA THR D 63 -3.23 -27.41 -37.13
C THR D 63 -4.28 -26.56 -36.41
N LEU D 64 -5.55 -26.76 -36.78
CA LEU D 64 -6.63 -26.14 -35.99
C LEU D 64 -6.48 -26.50 -34.51
N SER D 65 -6.03 -27.71 -34.22
CA SER D 65 -5.90 -28.22 -32.87
C SER D 65 -4.87 -27.40 -32.08
N ASP D 66 -3.79 -26.98 -32.74
CA ASP D 66 -2.77 -26.15 -32.09
C ASP D 66 -3.37 -24.90 -31.47
N TYR D 67 -4.43 -24.36 -32.05
CA TYR D 67 -5.07 -23.15 -31.54
C TYR D 67 -6.28 -23.45 -30.69
N ASN D 68 -6.58 -24.73 -30.45
CA ASN D 68 -7.77 -25.14 -29.69
C ASN D 68 -9.05 -24.59 -30.32
N ILE D 69 -9.07 -24.53 -31.65
CA ILE D 69 -10.27 -24.15 -32.38
C ILE D 69 -11.36 -25.17 -32.08
N GLN D 70 -12.57 -24.69 -31.78
CA GLN D 70 -13.65 -25.53 -31.30
C GLN D 70 -14.71 -25.71 -32.39
N LYS D 71 -15.55 -26.72 -32.21
CA LYS D 71 -16.69 -26.88 -33.11
C LYS D 71 -17.49 -25.58 -33.06
N GLU D 72 -17.88 -25.11 -34.24
CA GLU D 72 -18.66 -23.89 -34.39
C GLU D 72 -17.91 -22.62 -33.96
N SER D 73 -16.60 -22.69 -33.81
CA SER D 73 -15.79 -21.47 -33.70
C SER D 73 -15.94 -20.62 -34.95
N THR D 74 -15.64 -19.32 -34.82
CA THR D 74 -15.60 -18.40 -35.94
C THR D 74 -14.18 -17.88 -36.12
N LEU D 75 -13.66 -17.95 -37.34
CA LEU D 75 -12.40 -17.32 -37.68
C LEU D 75 -12.69 -16.02 -38.45
N HIS D 76 -11.87 -15.01 -38.22
CA HIS D 76 -11.97 -13.77 -38.98
C HIS D 76 -10.96 -13.80 -40.11
N LEU D 77 -11.43 -13.50 -41.32
CA LEU D 77 -10.57 -13.45 -42.50
C LEU D 77 -10.35 -11.99 -42.87
N VAL D 78 -9.08 -11.61 -42.96
CA VAL D 78 -8.67 -10.28 -43.36
C VAL D 78 -7.89 -10.41 -44.65
N LEU D 79 -8.13 -9.50 -45.60
CA LEU D 79 -7.37 -9.47 -46.84
C LEU D 79 -6.04 -8.78 -46.61
N ARG D 80 -4.94 -9.51 -46.79
CA ARG D 80 -3.59 -8.95 -46.66
C ARG D 80 -2.55 -10.00 -47.06
#